data_1I9K
# 
_entry.id   1I9K 
# 
_audit_conform.dict_name       mmcif_pdbx.dic 
_audit_conform.dict_version    5.392 
_audit_conform.dict_location   http://mmcif.pdb.org/dictionaries/ascii/mmcif_pdbx.dic 
# 
loop_
_database_2.database_id 
_database_2.database_code 
_database_2.pdbx_database_accession 
_database_2.pdbx_DOI 
PDB   1I9K         pdb_00001i9k 10.2210/pdb1i9k/pdb 
RCSB  RCSB013075   ?            ?                   
WWPDB D_1000013075 ?            ?                   
# 
loop_
_pdbx_audit_revision_history.ordinal 
_pdbx_audit_revision_history.data_content_type 
_pdbx_audit_revision_history.major_revision 
_pdbx_audit_revision_history.minor_revision 
_pdbx_audit_revision_history.revision_date 
1 'Structure model' 1 0 2001-05-30 
2 'Structure model' 1 1 2008-04-27 
3 'Structure model' 1 2 2011-07-13 
4 'Structure model' 1 3 2022-02-23 
5 'Structure model' 1 4 2024-05-22 
# 
_pdbx_audit_revision_details.ordinal             1 
_pdbx_audit_revision_details.revision_ordinal    1 
_pdbx_audit_revision_details.data_content_type   'Structure model' 
_pdbx_audit_revision_details.provider            repository 
_pdbx_audit_revision_details.type                'Initial release' 
_pdbx_audit_revision_details.description         ? 
_pdbx_audit_revision_details.details             ? 
# 
loop_
_pdbx_audit_revision_group.ordinal 
_pdbx_audit_revision_group.revision_ordinal 
_pdbx_audit_revision_group.data_content_type 
_pdbx_audit_revision_group.group 
1 2 'Structure model' 'Version format compliance' 
2 3 'Structure model' 'Version format compliance' 
3 4 'Structure model' 'Data collection'           
4 4 'Structure model' 'Database references'       
5 4 'Structure model' 'Derived calculations'      
6 5 'Structure model' 'Data collection'           
# 
loop_
_pdbx_audit_revision_category.ordinal 
_pdbx_audit_revision_category.revision_ordinal 
_pdbx_audit_revision_category.data_content_type 
_pdbx_audit_revision_category.category 
1 4 'Structure model' database_2            
2 4 'Structure model' pdbx_nmr_software     
3 4 'Structure model' pdbx_struct_assembly  
4 4 'Structure model' pdbx_struct_oper_list 
5 5 'Structure model' chem_comp_atom        
6 5 'Structure model' chem_comp_bond        
# 
loop_
_pdbx_audit_revision_item.ordinal 
_pdbx_audit_revision_item.revision_ordinal 
_pdbx_audit_revision_item.data_content_type 
_pdbx_audit_revision_item.item 
1 4 'Structure model' '_database_2.pdbx_DOI'                
2 4 'Structure model' '_database_2.pdbx_database_accession' 
3 4 'Structure model' '_pdbx_nmr_software.name'             
# 
_pdbx_database_status.status_code                     REL 
_pdbx_database_status.entry_id                        1I9K 
_pdbx_database_status.recvd_initial_deposition_date   2001-03-20 
_pdbx_database_status.deposit_site                    RCSB 
_pdbx_database_status.process_site                    RCSB 
_pdbx_database_status.status_code_mr                  REL 
_pdbx_database_status.SG_entry                        . 
_pdbx_database_status.status_code_sf                  ? 
_pdbx_database_status.pdb_format_compatible           Y 
_pdbx_database_status.status_code_cs                  ? 
_pdbx_database_status.status_code_nmr_data            ? 
_pdbx_database_status.methods_development_category    ? 
# 
loop_
_audit_author.name 
_audit_author.pdbx_ordinal 
'Snoussi, K.'       1 
'Nonin-Lecomte, S.' 2 
'Lerou, J.L.'       3 
# 
_citation.id                        primary 
_citation.title                     'The RNA i-motif.' 
_citation.journal_abbrev            J.Mol.Biol. 
_citation.journal_volume            309 
_citation.page_first                139 
_citation.page_last                 153 
_citation.year                      2001 
_citation.journal_id_ASTM           JMOBAK 
_citation.country                   UK 
_citation.journal_id_ISSN           0022-2836 
_citation.journal_id_CSD            0070 
_citation.book_publisher            ? 
_citation.pdbx_database_id_PubMed   11491284 
_citation.pdbx_database_id_DOI      10.1006/jmbi.2001.4618 
# 
loop_
_citation_author.citation_id 
_citation_author.name 
_citation_author.ordinal 
_citation_author.identifier_ORCID 
primary 'Snoussi, K.'       1 ? 
primary 'Nonin-Lecomte, S.' 2 ? 
primary 'Leroy, J.L.'       3 ? 
# 
_entity.id                         1 
_entity.type                       polymer 
_entity.src_method                 syn 
_entity.pdbx_description           "5'-R(*UP*CP*CP*CP*CP*C)-3'" 
_entity.formula_weight             1787.117 
_entity.pdbx_number_of_molecules   4 
_entity.pdbx_ec                    ? 
_entity.pdbx_mutation              ? 
_entity.pdbx_fragment              ? 
_entity.details                    ? 
# 
_entity_poly.entity_id                      1 
_entity_poly.type                           polyribonucleotide 
_entity_poly.nstd_linkage                   no 
_entity_poly.nstd_monomer                   no 
_entity_poly.pdbx_seq_one_letter_code       UCCCCC 
_entity_poly.pdbx_seq_one_letter_code_can   UCCCCC 
_entity_poly.pdbx_strand_id                 A,B,C,D 
_entity_poly.pdbx_target_identifier         ? 
# 
loop_
_entity_poly_seq.entity_id 
_entity_poly_seq.num 
_entity_poly_seq.mon_id 
_entity_poly_seq.hetero 
1 1 U n 
1 2 C n 
1 3 C n 
1 4 C n 
1 5 C n 
1 6 C n 
# 
loop_
_chem_comp.id 
_chem_comp.type 
_chem_comp.mon_nstd_flag 
_chem_comp.name 
_chem_comp.pdbx_synonyms 
_chem_comp.formula 
_chem_comp.formula_weight 
C 'RNA linking' y "CYTIDINE-5'-MONOPHOSPHATE" ? 'C9 H14 N3 O8 P' 323.197 
U 'RNA linking' y "URIDINE-5'-MONOPHOSPHATE"  ? 'C9 H13 N2 O9 P' 324.181 
# 
loop_
_pdbx_poly_seq_scheme.asym_id 
_pdbx_poly_seq_scheme.entity_id 
_pdbx_poly_seq_scheme.seq_id 
_pdbx_poly_seq_scheme.mon_id 
_pdbx_poly_seq_scheme.ndb_seq_num 
_pdbx_poly_seq_scheme.pdb_seq_num 
_pdbx_poly_seq_scheme.auth_seq_num 
_pdbx_poly_seq_scheme.pdb_mon_id 
_pdbx_poly_seq_scheme.auth_mon_id 
_pdbx_poly_seq_scheme.pdb_strand_id 
_pdbx_poly_seq_scheme.pdb_ins_code 
_pdbx_poly_seq_scheme.hetero 
A 1 1 U 1 1 0 U U A . n 
A 1 2 C 2 2 0 C C A . n 
A 1 3 C 3 3 0 C C A . n 
A 1 4 C 4 4 0 C C A . n 
A 1 5 C 5 5 0 C C A . n 
A 1 6 C 6 6 0 C C A . n 
B 1 1 U 1 1 0 U U B . n 
B 1 2 C 2 2 0 C C B . n 
B 1 3 C 3 3 0 C C B . n 
B 1 4 C 4 4 0 C C B . n 
B 1 5 C 5 5 0 C C B . n 
B 1 6 C 6 6 0 C C B . n 
C 1 1 U 1 1 0 U U C . n 
C 1 2 C 2 2 0 C C C . n 
C 1 3 C 3 3 0 C C C . n 
C 1 4 C 4 4 0 C C C . n 
C 1 5 C 5 5 0 C C C . n 
C 1 6 C 6 6 0 C C C . n 
D 1 1 U 1 1 0 U U D . n 
D 1 2 C 2 2 0 C C D . n 
D 1 3 C 3 3 0 C C D . n 
D 1 4 C 4 4 0 C C D . n 
D 1 5 C 5 5 0 C C D . n 
D 1 6 C 6 6 0 C C D . n 
# 
loop_
_software.name 
_software.classification 
_software.version 
_software.citation_id 
_software.pdbx_ordinal 
X-PLOR 'model building' . ? 1 
X-PLOR refinement       . ? 2 
X-PLOR phasing          . ? 3 
# 
_cell.entry_id           1I9K 
_cell.length_a           1.000 
_cell.length_b           1.000 
_cell.length_c           1.000 
_cell.angle_alpha        90.00 
_cell.angle_beta         90.00 
_cell.angle_gamma        90.00 
_cell.Z_PDB              1 
_cell.pdbx_unique_axis   ? 
# 
_symmetry.entry_id                         1I9K 
_symmetry.space_group_name_H-M             'P 1' 
_symmetry.pdbx_full_space_group_name_H-M   ? 
_symmetry.cell_setting                     ? 
_symmetry.Int_Tables_number                1 
# 
_exptl.entry_id          1I9K 
_exptl.method            'SOLUTION NMR' 
_exptl.crystals_number   ? 
# 
_struct.entry_id                  1I9K 
_struct.title                     'THE RNA I-MOTIF' 
_struct.pdbx_model_details        ? 
_struct.pdbx_CASP_flag            ? 
_struct.pdbx_model_type_details   ? 
# 
_struct_keywords.entry_id        1I9K 
_struct_keywords.pdbx_keywords   RNA 
_struct_keywords.text            'RNA, i-motif' 
# 
loop_
_struct_asym.id 
_struct_asym.pdbx_blank_PDB_chainid_flag 
_struct_asym.pdbx_modified 
_struct_asym.entity_id 
_struct_asym.details 
A N N 1 ? 
B N N 1 ? 
C N N 1 ? 
D N N 1 ? 
# 
_struct_ref.id                         1 
_struct_ref.entity_id                  1 
_struct_ref.db_name                    PDB 
_struct_ref.db_code                    1I9K 
_struct_ref.pdbx_db_accession          1I9K 
_struct_ref.pdbx_db_isoform            ? 
_struct_ref.pdbx_seq_one_letter_code   ? 
_struct_ref.pdbx_align_begin           ? 
# 
loop_
_struct_ref_seq.align_id 
_struct_ref_seq.ref_id 
_struct_ref_seq.pdbx_PDB_id_code 
_struct_ref_seq.pdbx_strand_id 
_struct_ref_seq.seq_align_beg 
_struct_ref_seq.pdbx_seq_align_beg_ins_code 
_struct_ref_seq.seq_align_end 
_struct_ref_seq.pdbx_seq_align_end_ins_code 
_struct_ref_seq.pdbx_db_accession 
_struct_ref_seq.db_align_beg 
_struct_ref_seq.pdbx_db_align_beg_ins_code 
_struct_ref_seq.db_align_end 
_struct_ref_seq.pdbx_db_align_end_ins_code 
_struct_ref_seq.pdbx_auth_seq_align_beg 
_struct_ref_seq.pdbx_auth_seq_align_end 
1 1 1I9K A 1 ? 6 ? 1I9K 1 ? 6 ? 1 6 
2 1 1I9K B 1 ? 6 ? 1I9K 1 ? 6 ? 1 6 
3 1 1I9K C 1 ? 6 ? 1I9K 1 ? 6 ? 1 6 
4 1 1I9K D 1 ? 6 ? 1I9K 1 ? 6 ? 1 6 
# 
_pdbx_struct_assembly.id                   1 
_pdbx_struct_assembly.details              author_defined_assembly 
_pdbx_struct_assembly.method_details       ? 
_pdbx_struct_assembly.oligomeric_details   tetrameric 
_pdbx_struct_assembly.oligomeric_count     4 
# 
_pdbx_struct_assembly_gen.assembly_id       1 
_pdbx_struct_assembly_gen.oper_expression   1 
_pdbx_struct_assembly_gen.asym_id_list      A,B,C,D 
# 
_pdbx_struct_oper_list.id                   1 
_pdbx_struct_oper_list.type                 'identity operation' 
_pdbx_struct_oper_list.name                 1_555 
_pdbx_struct_oper_list.symmetry_operation   x,y,z 
_pdbx_struct_oper_list.matrix[1][1]         1.0000000000 
_pdbx_struct_oper_list.matrix[1][2]         0.0000000000 
_pdbx_struct_oper_list.matrix[1][3]         0.0000000000 
_pdbx_struct_oper_list.vector[1]            0.0000000000 
_pdbx_struct_oper_list.matrix[2][1]         0.0000000000 
_pdbx_struct_oper_list.matrix[2][2]         1.0000000000 
_pdbx_struct_oper_list.matrix[2][3]         0.0000000000 
_pdbx_struct_oper_list.vector[2]            0.0000000000 
_pdbx_struct_oper_list.matrix[3][1]         0.0000000000 
_pdbx_struct_oper_list.matrix[3][2]         0.0000000000 
_pdbx_struct_oper_list.matrix[3][3]         1.0000000000 
_pdbx_struct_oper_list.vector[3]            0.0000000000 
# 
_struct_biol.id        1 
_struct_biol.details   ? 
# 
loop_
_struct_conn.id 
_struct_conn.conn_type_id 
_struct_conn.pdbx_leaving_atom_flag 
_struct_conn.pdbx_PDB_id 
_struct_conn.ptnr1_label_asym_id 
_struct_conn.ptnr1_label_comp_id 
_struct_conn.ptnr1_label_seq_id 
_struct_conn.ptnr1_label_atom_id 
_struct_conn.pdbx_ptnr1_label_alt_id 
_struct_conn.pdbx_ptnr1_PDB_ins_code 
_struct_conn.pdbx_ptnr1_standard_comp_id 
_struct_conn.ptnr1_symmetry 
_struct_conn.ptnr2_label_asym_id 
_struct_conn.ptnr2_label_comp_id 
_struct_conn.ptnr2_label_seq_id 
_struct_conn.ptnr2_label_atom_id 
_struct_conn.pdbx_ptnr2_label_alt_id 
_struct_conn.pdbx_ptnr2_PDB_ins_code 
_struct_conn.ptnr1_auth_asym_id 
_struct_conn.ptnr1_auth_comp_id 
_struct_conn.ptnr1_auth_seq_id 
_struct_conn.ptnr2_auth_asym_id 
_struct_conn.ptnr2_auth_comp_id 
_struct_conn.ptnr2_auth_seq_id 
_struct_conn.ptnr2_symmetry 
_struct_conn.pdbx_ptnr3_label_atom_id 
_struct_conn.pdbx_ptnr3_label_seq_id 
_struct_conn.pdbx_ptnr3_label_comp_id 
_struct_conn.pdbx_ptnr3_label_asym_id 
_struct_conn.pdbx_ptnr3_label_alt_id 
_struct_conn.pdbx_ptnr3_PDB_ins_code 
_struct_conn.details 
_struct_conn.pdbx_dist_value 
_struct_conn.pdbx_value_order 
_struct_conn.pdbx_role 
hydrog1  hydrog ? ? A U 1 N3 ? ? ? 1_555 C U 1 O4 ? ? A U 1 C U 1 1_555 ? ? ? ? ? ? TYPE_12_PAIR ? ? ? 
hydrog2  hydrog ? ? A U 1 O4 ? ? ? 1_555 C U 1 N3 ? ? A U 1 C U 1 1_555 ? ? ? ? ? ? TYPE_12_PAIR ? ? ? 
hydrog3  hydrog ? ? A C 2 N4 ? ? ? 1_555 C C 2 O2 ? ? A C 2 C C 2 1_555 ? ? ? ? ? ? TYPE_15_PAIR ? ? ? 
hydrog4  hydrog ? ? A C 2 O2 ? ? ? 1_555 C C 2 N4 ? ? A C 2 C C 2 1_555 ? ? ? ? ? ? TYPE_15_PAIR ? ? ? 
hydrog5  hydrog ? ? A C 3 N4 ? ? ? 1_555 C C 3 O2 ? ? A C 3 C C 3 1_555 ? ? ? ? ? ? TYPE_15_PAIR ? ? ? 
hydrog6  hydrog ? ? A C 3 O2 ? ? ? 1_555 C C 3 N4 ? ? A C 3 C C 3 1_555 ? ? ? ? ? ? TYPE_15_PAIR ? ? ? 
hydrog7  hydrog ? ? A C 4 N4 ? ? ? 1_555 C C 4 O2 ? ? A C 4 C C 4 1_555 ? ? ? ? ? ? TYPE_15_PAIR ? ? ? 
hydrog8  hydrog ? ? A C 4 O2 ? ? ? 1_555 C C 4 N4 ? ? A C 4 C C 4 1_555 ? ? ? ? ? ? TYPE_15_PAIR ? ? ? 
hydrog9  hydrog ? ? A C 5 N4 ? ? ? 1_555 C C 5 O2 ? ? A C 5 C C 5 1_555 ? ? ? ? ? ? TYPE_15_PAIR ? ? ? 
hydrog10 hydrog ? ? A C 5 O2 ? ? ? 1_555 C C 5 N4 ? ? A C 5 C C 5 1_555 ? ? ? ? ? ? TYPE_15_PAIR ? ? ? 
hydrog11 hydrog ? ? A C 6 N4 ? ? ? 1_555 C C 6 O2 ? ? A C 6 C C 6 1_555 ? ? ? ? ? ? TYPE_15_PAIR ? ? ? 
hydrog12 hydrog ? ? A C 6 O2 ? ? ? 1_555 C C 6 N4 ? ? A C 6 C C 6 1_555 ? ? ? ? ? ? TYPE_15_PAIR ? ? ? 
hydrog13 hydrog ? ? B U 1 N3 ? ? ? 1_555 D U 1 O4 ? ? B U 1 D U 1 1_555 ? ? ? ? ? ? TYPE_12_PAIR ? ? ? 
hydrog14 hydrog ? ? B U 1 O4 ? ? ? 1_555 D U 1 N3 ? ? B U 1 D U 1 1_555 ? ? ? ? ? ? TYPE_12_PAIR ? ? ? 
hydrog15 hydrog ? ? B C 2 N4 ? ? ? 1_555 D C 2 O2 ? ? B C 2 D C 2 1_555 ? ? ? ? ? ? TYPE_15_PAIR ? ? ? 
hydrog16 hydrog ? ? B C 2 O2 ? ? ? 1_555 D C 2 N4 ? ? B C 2 D C 2 1_555 ? ? ? ? ? ? TYPE_15_PAIR ? ? ? 
hydrog17 hydrog ? ? B C 3 N4 ? ? ? 1_555 D C 3 O2 ? ? B C 3 D C 3 1_555 ? ? ? ? ? ? TYPE_15_PAIR ? ? ? 
hydrog18 hydrog ? ? B C 3 O2 ? ? ? 1_555 D C 3 N4 ? ? B C 3 D C 3 1_555 ? ? ? ? ? ? TYPE_15_PAIR ? ? ? 
hydrog19 hydrog ? ? B C 4 N4 ? ? ? 1_555 D C 4 O2 ? ? B C 4 D C 4 1_555 ? ? ? ? ? ? TYPE_15_PAIR ? ? ? 
hydrog20 hydrog ? ? B C 4 O2 ? ? ? 1_555 D C 4 N4 ? ? B C 4 D C 4 1_555 ? ? ? ? ? ? TYPE_15_PAIR ? ? ? 
hydrog21 hydrog ? ? B C 5 N4 ? ? ? 1_555 D C 5 O2 ? ? B C 5 D C 5 1_555 ? ? ? ? ? ? TYPE_15_PAIR ? ? ? 
hydrog22 hydrog ? ? B C 5 O2 ? ? ? 1_555 D C 5 N4 ? ? B C 5 D C 5 1_555 ? ? ? ? ? ? TYPE_15_PAIR ? ? ? 
hydrog23 hydrog ? ? B C 6 N4 ? ? ? 1_555 D C 6 O2 ? ? B C 6 D C 6 1_555 ? ? ? ? ? ? TYPE_15_PAIR ? ? ? 
hydrog24 hydrog ? ? B C 6 O2 ? ? ? 1_555 D C 6 N4 ? ? B C 6 D C 6 1_555 ? ? ? ? ? ? TYPE_15_PAIR ? ? ? 
# 
_struct_conn_type.id          hydrog 
_struct_conn_type.criteria    ? 
_struct_conn_type.reference   ? 
# 
loop_
_pdbx_validate_close_contact.id 
_pdbx_validate_close_contact.PDB_model_num 
_pdbx_validate_close_contact.auth_atom_id_1 
_pdbx_validate_close_contact.auth_asym_id_1 
_pdbx_validate_close_contact.auth_comp_id_1 
_pdbx_validate_close_contact.auth_seq_id_1 
_pdbx_validate_close_contact.PDB_ins_code_1 
_pdbx_validate_close_contact.label_alt_id_1 
_pdbx_validate_close_contact.auth_atom_id_2 
_pdbx_validate_close_contact.auth_asym_id_2 
_pdbx_validate_close_contact.auth_comp_id_2 
_pdbx_validate_close_contact.auth_seq_id_2 
_pdbx_validate_close_contact.PDB_ins_code_2 
_pdbx_validate_close_contact.label_alt_id_2 
_pdbx_validate_close_contact.dist 
1 1 "O2'" B C 3 ? ? "O2'" C C 5 ? ? 2.16 
2 1 "O2'" A C 5 ? ? "O2'" D C 3 ? ? 2.16 
# 
loop_
_pdbx_validate_rmsd_angle.id 
_pdbx_validate_rmsd_angle.PDB_model_num 
_pdbx_validate_rmsd_angle.auth_atom_id_1 
_pdbx_validate_rmsd_angle.auth_asym_id_1 
_pdbx_validate_rmsd_angle.auth_comp_id_1 
_pdbx_validate_rmsd_angle.auth_seq_id_1 
_pdbx_validate_rmsd_angle.PDB_ins_code_1 
_pdbx_validate_rmsd_angle.label_alt_id_1 
_pdbx_validate_rmsd_angle.auth_atom_id_2 
_pdbx_validate_rmsd_angle.auth_asym_id_2 
_pdbx_validate_rmsd_angle.auth_comp_id_2 
_pdbx_validate_rmsd_angle.auth_seq_id_2 
_pdbx_validate_rmsd_angle.PDB_ins_code_2 
_pdbx_validate_rmsd_angle.label_alt_id_2 
_pdbx_validate_rmsd_angle.auth_atom_id_3 
_pdbx_validate_rmsd_angle.auth_asym_id_3 
_pdbx_validate_rmsd_angle.auth_comp_id_3 
_pdbx_validate_rmsd_angle.auth_seq_id_3 
_pdbx_validate_rmsd_angle.PDB_ins_code_3 
_pdbx_validate_rmsd_angle.label_alt_id_3 
_pdbx_validate_rmsd_angle.angle_value 
_pdbx_validate_rmsd_angle.angle_target_value 
_pdbx_validate_rmsd_angle.angle_deviation 
_pdbx_validate_rmsd_angle.angle_standard_deviation 
_pdbx_validate_rmsd_angle.linker_flag 
1 1 "C3'" A U 1 ? ? "C2'" A U 1 ? ? "C1'" A U 1 ? ? 106.35 101.50 4.85 0.80 N 
2 1 "C3'" B U 1 ? ? "C2'" B U 1 ? ? "C1'" B U 1 ? ? 106.38 101.50 4.88 0.80 N 
3 1 "C3'" C U 1 ? ? "C2'" C U 1 ? ? "C1'" C U 1 ? ? 106.39 101.50 4.89 0.80 N 
4 1 "C3'" D U 1 ? ? "C2'" D U 1 ? ? "C1'" D U 1 ? ? 106.37 101.50 4.87 0.80 N 
# 
_pdbx_nmr_ensemble.entry_id                                      1I9K 
_pdbx_nmr_ensemble.conformers_calculated_total_number            50 
_pdbx_nmr_ensemble.conformers_submitted_total_number             1 
_pdbx_nmr_ensemble.conformer_selection_criteria                  'structures with the least restraint violations' 
_pdbx_nmr_ensemble.average_constraints_per_residue               ? 
_pdbx_nmr_ensemble.average_constraint_violations_per_residue     ? 
_pdbx_nmr_ensemble.maximum_distance_constraint_violation         ? 
_pdbx_nmr_ensemble.average_distance_constraint_violation         ? 
_pdbx_nmr_ensemble.maximum_upper_distance_constraint_violation   ? 
_pdbx_nmr_ensemble.maximum_lower_distance_constraint_violation   ? 
_pdbx_nmr_ensemble.distance_constraint_violation_method          ? 
_pdbx_nmr_ensemble.maximum_torsion_angle_constraint_violation    ? 
_pdbx_nmr_ensemble.average_torsion_angle_constraint_violation    ? 
_pdbx_nmr_ensemble.torsion_angle_constraint_violation_method     ? 
# 
_pdbx_nmr_sample_details.solution_id      1 
_pdbx_nmr_sample_details.contents         '9.8 mM of unlabeled DNA' 
_pdbx_nmr_sample_details.solvent_system   ? 
# 
_pdbx_nmr_exptl_sample_conditions.conditions_id       1 
_pdbx_nmr_exptl_sample_conditions.temperature         270 
_pdbx_nmr_exptl_sample_conditions.pressure            ambient 
_pdbx_nmr_exptl_sample_conditions.pressure_units      ? 
_pdbx_nmr_exptl_sample_conditions.pH                  4.3 
_pdbx_nmr_exptl_sample_conditions.ionic_strength      'sodium counterion' 
_pdbx_nmr_exptl_sample_conditions.temperature_units   K 
# 
loop_
_pdbx_nmr_exptl.experiment_id 
_pdbx_nmr_exptl.conditions_id 
_pdbx_nmr_exptl.solution_id 
_pdbx_nmr_exptl.type 
1 1 1 '2D NOESY'            
2 1 1 DQF-COSY              
3 1 1 TOCSY                 
4 1 1 '31P-1H HETERO-TOCSY' 
5 1 1 '13C-1H HSQC'         
# 
_pdbx_nmr_refine.entry_id           1I9K 
_pdbx_nmr_refine.method             'NMR-based simulated annealing' 
_pdbx_nmr_refine.details            ? 
_pdbx_nmr_refine.software_ordinal   1 
# 
loop_
_pdbx_nmr_software.name 
_pdbx_nmr_software.version 
_pdbx_nmr_software.classification 
_pdbx_nmr_software.authors 
_pdbx_nmr_software.ordinal 
X-PLOR 3.851 refinement      'Brunger, A.T.' 1 
Felix  98    processing      ?               2 
VNMR   6.2   collection      ?               3 
MOLMOL 2.4   'data analysis' ?               4 
Curves ?     'data analysis' ?               5 
# 
loop_
_chem_comp_atom.comp_id 
_chem_comp_atom.atom_id 
_chem_comp_atom.type_symbol 
_chem_comp_atom.pdbx_aromatic_flag 
_chem_comp_atom.pdbx_stereo_config 
_chem_comp_atom.pdbx_ordinal 
C OP3    O N N 1  
C P      P N N 2  
C OP1    O N N 3  
C OP2    O N N 4  
C "O5'"  O N N 5  
C "C5'"  C N N 6  
C "C4'"  C N R 7  
C "O4'"  O N N 8  
C "C3'"  C N S 9  
C "O3'"  O N N 10 
C "C2'"  C N R 11 
C "O2'"  O N N 12 
C "C1'"  C N R 13 
C N1     N N N 14 
C C2     C N N 15 
C O2     O N N 16 
C N3     N N N 17 
C C4     C N N 18 
C N4     N N N 19 
C C5     C N N 20 
C C6     C N N 21 
C HOP3   H N N 22 
C HOP2   H N N 23 
C "H5'"  H N N 24 
C "H5''" H N N 25 
C "H4'"  H N N 26 
C "H3'"  H N N 27 
C "HO3'" H N N 28 
C "H2'"  H N N 29 
C "HO2'" H N N 30 
C "H1'"  H N N 31 
C H41    H N N 32 
C H42    H N N 33 
C H5     H N N 34 
C H6     H N N 35 
U OP3    O N N 36 
U P      P N N 37 
U OP1    O N N 38 
U OP2    O N N 39 
U "O5'"  O N N 40 
U "C5'"  C N N 41 
U "C4'"  C N R 42 
U "O4'"  O N N 43 
U "C3'"  C N S 44 
U "O3'"  O N N 45 
U "C2'"  C N R 46 
U "O2'"  O N N 47 
U "C1'"  C N R 48 
U N1     N N N 49 
U C2     C N N 50 
U O2     O N N 51 
U N3     N N N 52 
U C4     C N N 53 
U O4     O N N 54 
U C5     C N N 55 
U C6     C N N 56 
U HOP3   H N N 57 
U HOP2   H N N 58 
U "H5'"  H N N 59 
U "H5''" H N N 60 
U "H4'"  H N N 61 
U "H3'"  H N N 62 
U "HO3'" H N N 63 
U "H2'"  H N N 64 
U "HO2'" H N N 65 
U "H1'"  H N N 66 
U H3     H N N 67 
U H5     H N N 68 
U H6     H N N 69 
# 
loop_
_chem_comp_bond.comp_id 
_chem_comp_bond.atom_id_1 
_chem_comp_bond.atom_id_2 
_chem_comp_bond.value_order 
_chem_comp_bond.pdbx_aromatic_flag 
_chem_comp_bond.pdbx_stereo_config 
_chem_comp_bond.pdbx_ordinal 
C OP3   P      sing N N 1  
C OP3   HOP3   sing N N 2  
C P     OP1    doub N N 3  
C P     OP2    sing N N 4  
C P     "O5'"  sing N N 5  
C OP2   HOP2   sing N N 6  
C "O5'" "C5'"  sing N N 7  
C "C5'" "C4'"  sing N N 8  
C "C5'" "H5'"  sing N N 9  
C "C5'" "H5''" sing N N 10 
C "C4'" "O4'"  sing N N 11 
C "C4'" "C3'"  sing N N 12 
C "C4'" "H4'"  sing N N 13 
C "O4'" "C1'"  sing N N 14 
C "C3'" "O3'"  sing N N 15 
C "C3'" "C2'"  sing N N 16 
C "C3'" "H3'"  sing N N 17 
C "O3'" "HO3'" sing N N 18 
C "C2'" "O2'"  sing N N 19 
C "C2'" "C1'"  sing N N 20 
C "C2'" "H2'"  sing N N 21 
C "O2'" "HO2'" sing N N 22 
C "C1'" N1     sing N N 23 
C "C1'" "H1'"  sing N N 24 
C N1    C2     sing N N 25 
C N1    C6     sing N N 26 
C C2    O2     doub N N 27 
C C2    N3     sing N N 28 
C N3    C4     doub N N 29 
C C4    N4     sing N N 30 
C C4    C5     sing N N 31 
C N4    H41    sing N N 32 
C N4    H42    sing N N 33 
C C5    C6     doub N N 34 
C C5    H5     sing N N 35 
C C6    H6     sing N N 36 
U OP3   P      sing N N 37 
U OP3   HOP3   sing N N 38 
U P     OP1    doub N N 39 
U P     OP2    sing N N 40 
U P     "O5'"  sing N N 41 
U OP2   HOP2   sing N N 42 
U "O5'" "C5'"  sing N N 43 
U "C5'" "C4'"  sing N N 44 
U "C5'" "H5'"  sing N N 45 
U "C5'" "H5''" sing N N 46 
U "C4'" "O4'"  sing N N 47 
U "C4'" "C3'"  sing N N 48 
U "C4'" "H4'"  sing N N 49 
U "O4'" "C1'"  sing N N 50 
U "C3'" "O3'"  sing N N 51 
U "C3'" "C2'"  sing N N 52 
U "C3'" "H3'"  sing N N 53 
U "O3'" "HO3'" sing N N 54 
U "C2'" "O2'"  sing N N 55 
U "C2'" "C1'"  sing N N 56 
U "C2'" "H2'"  sing N N 57 
U "O2'" "HO2'" sing N N 58 
U "C1'" N1     sing N N 59 
U "C1'" "H1'"  sing N N 60 
U N1    C2     sing N N 61 
U N1    C6     sing N N 62 
U C2    O2     doub N N 63 
U C2    N3     sing N N 64 
U N3    C4     sing N N 65 
U N3    H3     sing N N 66 
U C4    O4     doub N N 67 
U C4    C5     sing N N 68 
U C5    C6     doub N N 69 
U C5    H5     sing N N 70 
U C6    H6     sing N N 71 
# 
loop_
_ndb_struct_conf_na.entry_id 
_ndb_struct_conf_na.feature 
1I9K 'double helix'         
1I9K 'parallel strands'     
1I9K 'mismatched base pair' 
# 
loop_
_ndb_struct_na_base_pair.model_number 
_ndb_struct_na_base_pair.i_label_asym_id 
_ndb_struct_na_base_pair.i_label_comp_id 
_ndb_struct_na_base_pair.i_label_seq_id 
_ndb_struct_na_base_pair.i_symmetry 
_ndb_struct_na_base_pair.j_label_asym_id 
_ndb_struct_na_base_pair.j_label_comp_id 
_ndb_struct_na_base_pair.j_label_seq_id 
_ndb_struct_na_base_pair.j_symmetry 
_ndb_struct_na_base_pair.shear 
_ndb_struct_na_base_pair.stretch 
_ndb_struct_na_base_pair.stagger 
_ndb_struct_na_base_pair.buckle 
_ndb_struct_na_base_pair.propeller 
_ndb_struct_na_base_pair.opening 
_ndb_struct_na_base_pair.pair_number 
_ndb_struct_na_base_pair.pair_name 
_ndb_struct_na_base_pair.i_auth_asym_id 
_ndb_struct_na_base_pair.i_auth_seq_id 
_ndb_struct_na_base_pair.i_PDB_ins_code 
_ndb_struct_na_base_pair.j_auth_asym_id 
_ndb_struct_na_base_pair.j_auth_seq_id 
_ndb_struct_na_base_pair.j_PDB_ins_code 
_ndb_struct_na_base_pair.hbond_type_28 
_ndb_struct_na_base_pair.hbond_type_12 
1 A U 1 1_555 C U 1 1_555 -1.143 0.857  -0.040 -1.192  58.450  -178.984 1  A_U1:U1_C A 1 ? C 1 ? 12 2 
1 A C 2 1_555 C C 2 1_555 -2.338 -2.103 -0.082 24.501  15.913  -179.636 2  A_C2:C2_C A 2 ? C 2 ? 15 2 
1 D C 6 1_555 B C 6 1_555 1.890  1.319  0.027  -7.716  -9.274  179.455  3  D_C6:C6_B D 6 ? B 6 ? 15 2 
1 A C 3 1_555 C C 3 1_555 -2.298 -1.945 -0.099 -16.357 6.046   -179.152 4  A_C3:C3_C A 3 ? C 3 ? 15 2 
1 D C 5 1_555 B C 5 1_555 -2.440 -2.184 -0.253 1.208   10.471  -179.975 5  D_C5:C5_B D 5 ? B 5 ? 15 2 
1 A C 4 1_555 C C 4 1_555 2.499  2.203  0.061  5.226   0.556   179.845  6  A_C4:C4_C A 4 ? C 4 ? 15 2 
1 D C 4 1_555 B C 4 1_555 -2.479 -2.178 0.025  -4.845  -1.980  -179.972 7  D_C4:C4_B D 4 ? B 4 ? 15 2 
1 A C 5 1_555 C C 5 1_555 2.418  2.184  -0.006 -0.924  -13.029 179.975  8  A_C5:C5_C A 5 ? C 5 ? 15 2 
1 D C 3 1_555 B C 3 1_555 -2.363 -2.045 -0.005 -16.015 5.454   -179.912 9  D_C3:C3_B D 3 ? B 3 ? 15 2 
1 A C 6 1_555 C C 6 1_555 1.886  1.363  -0.007 -7.603  -8.231  179.958  10 A_C6:C6_C A 6 ? C 6 ? 15 2 
1 D C 2 1_555 B C 2 1_555 2.266  1.947  -0.015 -22.749 -16.558 179.784  11 D_C2:C2_B D 2 ? B 2 ? 15 2 
1 D U 1 1_555 B U 1 1_555 1.152  -0.924 -0.020 2.602   -57.170 179.430  12 D_U1:U1_B D 1 ? B 1 ? 12 2 
# 
loop_
_ndb_struct_na_base_pair_step.model_number 
_ndb_struct_na_base_pair_step.i_label_asym_id_1 
_ndb_struct_na_base_pair_step.i_label_comp_id_1 
_ndb_struct_na_base_pair_step.i_label_seq_id_1 
_ndb_struct_na_base_pair_step.i_symmetry_1 
_ndb_struct_na_base_pair_step.j_label_asym_id_1 
_ndb_struct_na_base_pair_step.j_label_comp_id_1 
_ndb_struct_na_base_pair_step.j_label_seq_id_1 
_ndb_struct_na_base_pair_step.j_symmetry_1 
_ndb_struct_na_base_pair_step.i_label_asym_id_2 
_ndb_struct_na_base_pair_step.i_label_comp_id_2 
_ndb_struct_na_base_pair_step.i_label_seq_id_2 
_ndb_struct_na_base_pair_step.i_symmetry_2 
_ndb_struct_na_base_pair_step.j_label_asym_id_2 
_ndb_struct_na_base_pair_step.j_label_comp_id_2 
_ndb_struct_na_base_pair_step.j_label_seq_id_2 
_ndb_struct_na_base_pair_step.j_symmetry_2 
_ndb_struct_na_base_pair_step.shift 
_ndb_struct_na_base_pair_step.slide 
_ndb_struct_na_base_pair_step.rise 
_ndb_struct_na_base_pair_step.tilt 
_ndb_struct_na_base_pair_step.roll 
_ndb_struct_na_base_pair_step.twist 
_ndb_struct_na_base_pair_step.x_displacement 
_ndb_struct_na_base_pair_step.y_displacement 
_ndb_struct_na_base_pair_step.helical_rise 
_ndb_struct_na_base_pair_step.inclination 
_ndb_struct_na_base_pair_step.tip 
_ndb_struct_na_base_pair_step.helical_twist 
_ndb_struct_na_base_pair_step.step_number 
_ndb_struct_na_base_pair_step.step_name 
_ndb_struct_na_base_pair_step.i_auth_asym_id_1 
_ndb_struct_na_base_pair_step.i_auth_seq_id_1 
_ndb_struct_na_base_pair_step.i_PDB_ins_code_1 
_ndb_struct_na_base_pair_step.j_auth_asym_id_1 
_ndb_struct_na_base_pair_step.j_auth_seq_id_1 
_ndb_struct_na_base_pair_step.j_PDB_ins_code_1 
_ndb_struct_na_base_pair_step.i_auth_asym_id_2 
_ndb_struct_na_base_pair_step.i_auth_seq_id_2 
_ndb_struct_na_base_pair_step.i_PDB_ins_code_2 
_ndb_struct_na_base_pair_step.j_auth_asym_id_2 
_ndb_struct_na_base_pair_step.j_auth_seq_id_2 
_ndb_struct_na_base_pair_step.j_PDB_ins_code_2 
1 A U 1 1_555 C U 1 1_555 A C 2 1_555 C C 2 1_555 0.013  -0.030 2.260  0.278    -0.495   34.382   0.002  0.008  2.260  -0.837  
-0.470  34.386   1  AA_U1C2:C2U1_CC A 1 ? C 1 ? A 2 ? C 2 ? 
1 A C 2 1_555 C C 2 1_555 D C 6 1_555 B C 6 1_555 -2.041 -2.216 -0.136 -126.561 126.541  40.378   -1.034 1.094  -0.163 63.509  
63.519  179.033  2  AD_C2C6:C6C2_BC A 2 ? C 2 ? D 6 ? B 6 ? 
1 D C 6 1_555 B C 6 1_555 A C 3 1_555 C C 3 1_555 3.195  1.860  0.026  -94.145  151.953  -132.654 -0.938 1.593  0.064  -76.021 
-47.100 -179.500 3  DA_C6C3:C3C6_CB D 6 ? B 6 ? A 3 ? C 3 ? 
1 A C 3 1_555 C C 3 1_555 D C 5 1_555 B C 5 1_555 -1.673 2.046  -0.101 135.236  115.639  -81.181  -0.992 -0.874 -0.110 -58.054 
67.892  -178.432 4  AD_C3C5:C5C3_BC A 3 ? C 3 ? D 5 ? B 5 ? 
1 D C 5 1_555 B C 5 1_555 A C 4 1_555 C C 4 1_555 -2.702 -1.906 0.056  98.446   -147.915 -121.646 0.959  -1.347 0.005  74.080  
49.305  -178.870 5  DA_C5C4:C4C5_CB D 5 ? B 5 ? A 4 ? C 4 ? 
1 A C 4 1_555 C C 4 1_555 D C 4 1_555 B C 4 1_555 -2.361 -2.161 -0.020 -120.829 132.892  143.562  -1.078 1.183  -0.023 66.453  
60.421  179.878  6  AD_C4C4:C4C4_BC A 4 ? C 4 ? D 4 ? B 4 ? 
1 D C 4 1_555 B C 4 1_555 A C 5 1_555 C C 5 1_555 2.784  1.880  0.016  -99.951  149.450  -114.636 -0.943 1.391  0.005  -74.739 
-49.984 -179.888 7  DA_C4C5:C5C4_CB D 4 ? B 4 ? A 5 ? C 5 ? 
1 A C 5 1_555 C C 5 1_555 D C 3 1_555 B C 3 1_555 -1.951 -1.652 0.003  -116.447 137.152  -59.415  0.826  -0.976 -0.001 -68.592 
-58.237 -179.929 8  AD_C5C3:C3C5_BC A 5 ? C 5 ? D 3 ? B 3 ? 
1 D C 3 1_555 B C 3 1_555 A C 6 1_555 C C 6 1_555 -3.082 -1.872 -0.016 93.365   -153.685 172.901  -0.937 1.541  -0.016 -76.843 
-46.683 179.989  9  DA_C3C6:C6C3_CB D 3 ? B 3 ? A 6 ? C 6 ? 
1 A C 6 1_555 C C 6 1_555 D C 2 1_555 B C 2 1_555 -2.107 2.164  -0.006 128.119  126.353  122.093  1.082  1.053  0.004  63.179  
-64.062 179.973  10 AD_C6C2:C2C6_BC A 6 ? C 6 ? D 2 ? B 2 ? 
1 D C 2 1_555 B C 2 1_555 D U 1 1_555 B U 1 1_555 -0.001 -0.015 -2.309 -0.111   0.039    -34.843  0.029  0.010  -2.309 -0.066  
-0.186  -34.843  11 DD_C2U1:U1C2_BB D 2 ? B 2 ? D 1 ? B 1 ? 
# 
_pdbx_nmr_spectrometer.spectrometer_id   1 
_pdbx_nmr_spectrometer.type              ? 
_pdbx_nmr_spectrometer.manufacturer      Varian 
_pdbx_nmr_spectrometer.model             INOVA 
_pdbx_nmr_spectrometer.field_strength    500 
# 
_atom_sites.entry_id                    1I9K 
_atom_sites.fract_transf_matrix[1][1]   1.000000 
_atom_sites.fract_transf_matrix[1][2]   0.000000 
_atom_sites.fract_transf_matrix[1][3]   0.000000 
_atom_sites.fract_transf_matrix[2][1]   0.000000 
_atom_sites.fract_transf_matrix[2][2]   1.000000 
_atom_sites.fract_transf_matrix[2][3]   0.000000 
_atom_sites.fract_transf_matrix[3][1]   0.000000 
_atom_sites.fract_transf_matrix[3][2]   0.000000 
_atom_sites.fract_transf_matrix[3][3]   1.000000 
_atom_sites.fract_transf_vector[1]      0.00000 
_atom_sites.fract_transf_vector[2]      0.00000 
_atom_sites.fract_transf_vector[3]      0.00000 
# 
loop_
_atom_type.symbol 
C 
H 
N 
O 
P 
# 
loop_
_atom_site.group_PDB 
_atom_site.id 
_atom_site.type_symbol 
_atom_site.label_atom_id 
_atom_site.label_alt_id 
_atom_site.label_comp_id 
_atom_site.label_asym_id 
_atom_site.label_entity_id 
_atom_site.label_seq_id 
_atom_site.pdbx_PDB_ins_code 
_atom_site.Cartn_x 
_atom_site.Cartn_y 
_atom_site.Cartn_z 
_atom_site.occupancy 
_atom_site.B_iso_or_equiv 
_atom_site.pdbx_formal_charge 
_atom_site.auth_seq_id 
_atom_site.auth_comp_id 
_atom_site.auth_asym_id 
_atom_site.auth_atom_id 
_atom_site.pdbx_PDB_model_num 
ATOM 1   O "O5'"  . U A 1 1 ? -3.233  -16.227 -11.902 1.00 0.00 ? 1 U A "O5'"  1 
ATOM 2   C "C5'"  . U A 1 1 ? -4.078  -17.376 -11.803 1.00 0.00 ? 1 U A "C5'"  1 
ATOM 3   C "C4'"  . U A 1 1 ? -4.296  -17.794 -10.349 1.00 0.00 ? 1 U A "C4'"  1 
ATOM 4   O "O4'"  . U A 1 1 ? -3.076  -18.313 -9.781  1.00 0.00 ? 1 U A "O4'"  1 
ATOM 5   C "C3'"  . U A 1 1 ? -4.742  -16.608 -9.506  1.00 0.00 ? 1 U A "C3'"  1 
ATOM 6   O "O3'"  . U A 1 1 ? -6.115  -16.736 -9.116  1.00 0.00 ? 1 U A "O3'"  1 
ATOM 7   C "C2'"  . U A 1 1 ? -3.833  -16.585 -8.302  1.00 0.00 ? 1 U A "C2'"  1 
ATOM 8   O "O2'"  . U A 1 1 ? -4.543  -16.926 -7.108  1.00 0.00 ? 1 U A "O2'"  1 
ATOM 9   C "C1'"  . U A 1 1 ? -2.733  -17.589 -8.580  1.00 0.00 ? 1 U A "C1'"  1 
ATOM 10  N N1     . U A 1 1 ? -1.437  -16.894 -8.730  1.00 0.00 ? 1 U A N1     1 
ATOM 11  C C2     . U A 1 1 ? -0.723  -16.610 -7.578  1.00 0.00 ? 1 U A C2     1 
ATOM 12  O O2     . U A 1 1 ? -1.123  -16.929 -6.459  1.00 0.00 ? 1 U A O2     1 
ATOM 13  N N3     . U A 1 1 ? 0.471   -15.939 -7.757  1.00 0.00 ? 1 U A N3     1 
ATOM 14  C C4     . U A 1 1 ? 1.008   -15.534 -8.966  1.00 0.00 ? 1 U A C4     1 
ATOM 15  O O4     . U A 1 1 ? 2.086   -14.946 -9.006  1.00 0.00 ? 1 U A O4     1 
ATOM 16  C C5     . U A 1 1 ? 0.197   -15.873 -10.112 1.00 0.00 ? 1 U A C5     1 
ATOM 17  C C6     . U A 1 1 ? -0.977  -16.530 -9.964  1.00 0.00 ? 1 U A C6     1 
ATOM 18  H "H5'"  . U A 1 1 ? -3.618  -18.203 -12.344 1.00 0.00 ? 1 U A "H5'"  1 
ATOM 19  H "H5''" . U A 1 1 ? -5.044  -17.149 -12.255 1.00 0.00 ? 1 U A "H5''" 1 
ATOM 20  H "H4'"  . U A 1 1 ? -5.062  -18.567 -10.311 1.00 0.00 ? 1 U A "H4'"  1 
ATOM 21  H "H3'"  . U A 1 1 ? -4.603  -15.688 -10.077 1.00 0.00 ? 1 U A "H3'"  1 
ATOM 22  H "H2'"  . U A 1 1 ? -3.398  -15.594 -8.197  1.00 0.00 ? 1 U A "H2'"  1 
ATOM 23  H "HO2'" . U A 1 1 ? -4.399  -16.210 -6.486  1.00 0.00 ? 1 U A "HO2'" 1 
ATOM 24  H "H1'"  . U A 1 1 ? -2.667  -18.284 -7.750  1.00 0.00 ? 1 U A "H1'"  1 
ATOM 25  H H3     . U A 1 1 ? 0.999   -15.716 -6.925  1.00 0.00 ? 1 U A H3     1 
ATOM 26  H H5     . U A 1 1 ? 0.529   -15.586 -11.108 1.00 0.00 ? 1 U A H5     1 
ATOM 27  H H6     . U A 1 1 ? -1.566  -16.781 -10.846 1.00 0.00 ? 1 U A H6     1 
ATOM 28  H "HO5'" . U A 1 1 ? -3.546  -15.706 -12.646 1.00 0.00 ? 1 U A "HO5'" 1 
ATOM 29  P P      . C A 1 2 ? -6.991  -15.431 -8.758  1.00 0.00 ? 2 C A P      1 
ATOM 30  O OP1    . C A 1 2 ? -8.405  -15.847 -8.624  1.00 0.00 ? 2 C A OP1    1 
ATOM 31  O OP2    . C A 1 2 ? -6.628  -14.353 -9.707  1.00 0.00 ? 2 C A OP2    1 
ATOM 32  O "O5'"  . C A 1 2 ? -6.445  -15.027 -7.295  1.00 0.00 ? 2 C A "O5'"  1 
ATOM 33  C "C5'"  . C A 1 2 ? -5.666  -13.841 -7.097  1.00 0.00 ? 2 C A "C5'"  1 
ATOM 34  C "C4'"  . C A 1 2 ? -4.944  -13.868 -5.751  1.00 0.00 ? 2 C A "C4'"  1 
ATOM 35  O "O4'"  . C A 1 2 ? -3.715  -14.623 -5.831  1.00 0.00 ? 2 C A "O4'"  1 
ATOM 36  C "C3'"  . C A 1 2 ? -4.575  -12.465 -5.289  1.00 0.00 ? 2 C A "C3'"  1 
ATOM 37  O "O3'"  . C A 1 2 ? -5.559  -11.883 -4.411  1.00 0.00 ? 2 C A "O3'"  1 
ATOM 38  C "C2'"  . C A 1 2 ? -3.233  -12.615 -4.620  1.00 0.00 ? 2 C A "C2'"  1 
ATOM 39  O "O2'"  . C A 1 2 ? -3.366  -12.751 -3.201  1.00 0.00 ? 2 C A "O2'"  1 
ATOM 40  C "C1'"  . C A 1 2 ? -2.634  -13.870 -5.229  1.00 0.00 ? 2 C A "C1'"  1 
ATOM 41  N N1     . C A 1 2 ? -1.610  -13.498 -6.235  1.00 0.00 ? 2 C A N1     1 
ATOM 42  C C2     . C A 1 2 ? -0.311  -13.307 -5.784  1.00 0.00 ? 2 C A C2     1 
ATOM 43  O O2     . C A 1 2 ? -0.025  -13.525 -4.606  1.00 0.00 ? 2 C A O2     1 
ATOM 44  N N3     . C A 1 2 ? 0.627   -12.888 -6.676  1.00 0.00 ? 2 C A N3     1 
ATOM 45  C C4     . C A 1 2 ? 0.314   -12.668 -7.959  1.00 0.00 ? 2 C A C4     1 
ATOM 46  N N4     . C A 1 2 ? 1.252   -12.200 -8.785  1.00 0.00 ? 2 C A N4     1 
ATOM 47  C C5     . C A 1 2 ? -1.018  -12.876 -8.436  1.00 0.00 ? 2 C A C5     1 
ATOM 48  C C6     . C A 1 2 ? -1.945  -13.287 -7.546  1.00 0.00 ? 2 C A C6     1 
ATOM 49  H "H5'"  . C A 1 2 ? -6.325  -12.974 -7.132  1.00 0.00 ? 2 C A "H5'"  1 
ATOM 50  H "H5''" . C A 1 2 ? -4.929  -13.761 -7.896  1.00 0.00 ? 2 C A "H5''" 1 
ATOM 51  H "H4'"  . C A 1 2 ? -5.593  -14.332 -5.011  1.00 0.00 ? 2 C A "H4'"  1 
ATOM 52  H "H3'"  . C A 1 2 ? -4.454  -11.829 -6.172  1.00 0.00 ? 2 C A "H3'"  1 
ATOM 53  H "H2'"  . C A 1 2 ? -2.602  -11.759 -4.853  1.00 0.00 ? 2 C A "H2'"  1 
ATOM 54  H "HO2'" . C A 1 2 ? -3.299  -11.874 -2.817  1.00 0.00 ? 2 C A "HO2'" 1 
ATOM 55  H "H1'"  . C A 1 2 ? -2.168  -14.467 -4.445  1.00 0.00 ? 2 C A "H1'"  1 
ATOM 56  H H41    . C A 1 2 ? 2.192   -12.058 -8.447  1.00 0.00 ? 2 C A H41    1 
ATOM 57  H H42    . C A 1 2 ? 1.025   -11.989 -9.746  1.00 0.00 ? 2 C A H42    1 
ATOM 58  H H5     . C A 1 2 ? -1.268  -12.735 -9.488  1.00 0.00 ? 2 C A H5     1 
ATOM 59  H H6     . C A 1 2 ? -2.975  -13.447 -7.874  1.00 0.00 ? 2 C A H6     1 
ATOM 60  P P      . C A 1 3 ? -6.310  -12.719 -3.250  1.00 0.00 ? 3 C A P      1 
ATOM 61  O OP1    . C A 1 3 ? -5.541  -13.954 -2.975  1.00 0.00 ? 3 C A OP1    1 
ATOM 62  O OP2    . C A 1 3 ? -7.744  -12.812 -3.606  1.00 0.00 ? 3 C A OP2    1 
ATOM 63  O "O5'"  . C A 1 3 ? -6.175  -11.745 -1.970  1.00 0.00 ? 3 C A "O5'"  1 
ATOM 64  C "C5'"  . C A 1 3 ? -5.617  -10.427 -2.093  1.00 0.00 ? 3 C A "C5'"  1 
ATOM 65  C "C4'"  . C A 1 3 ? -4.576  -10.164 -1.008  1.00 0.00 ? 3 C A "C4'"  1 
ATOM 66  O "O4'"  . C A 1 3 ? -3.239  -10.150 -1.555  1.00 0.00 ? 3 C A "O4'"  1 
ATOM 67  C "C3'"  . C A 1 3 ? -4.805  -8.832  -0.312  1.00 0.00 ? 3 C A "C3'"  1 
ATOM 68  O "O3'"  . C A 1 3 ? -5.546  -9.030  0.908   1.00 0.00 ? 3 C A "O3'"  1 
ATOM 69  C "C2'"  . C A 1 3 ? -3.415  -8.318  -0.045  1.00 0.00 ? 3 C A "C2'"  1 
ATOM 70  O "O2'"  . C A 1 3 ? -3.018  -8.714  1.267   1.00 0.00 ? 3 C A "O2'"  1 
ATOM 71  C "C1'"  . C A 1 3 ? -2.523  -8.998  -1.058  1.00 0.00 ? 3 C A "C1'"  1 
ATOM 72  N N1     . C A 1 3 ? -2.164  -8.095  -2.174  1.00 0.00 ? 3 C A N1     1 
ATOM 73  C C2     . C A 1 3 ? -0.817  -7.791  -2.349  1.00 0.00 ? 3 C A C2     1 
ATOM 74  O O2     . C A 1 3 ? 0.021   -8.165  -1.523  1.00 0.00 ? 3 C A O2     1 
ATOM 75  N N3     . C A 1 3 ? -0.461  -7.049  -3.432  1.00 0.00 ? 3 C A N3     1 
ATOM 76  C C4     . C A 1 3 ? -1.379  -6.617  -4.305  1.00 0.00 ? 3 C A C4     1 
ATOM 77  N N4     . C A 1 3 ? -0.995  -5.913  -5.366  1.00 0.00 ? 3 C A N4     1 
ATOM 78  C C5     . C A 1 3 ? -2.766  -6.912  -4.125  1.00 0.00 ? 3 C A C5     1 
ATOM 79  C C6     . C A 1 3 ? -3.116  -7.647  -3.054  1.00 0.00 ? 3 C A C6     1 
ATOM 80  H "H5'"  . C A 1 3 ? -6.418  -9.693  -2.008  1.00 0.00 ? 3 C A "H5'"  1 
ATOM 81  H "H5''" . C A 1 3 ? -5.145  -10.328 -3.071  1.00 0.00 ? 3 C A "H5''" 1 
ATOM 82  H "H4'"  . C A 1 3 ? -4.635  -10.953 -0.261  1.00 0.00 ? 3 C A "H4'"  1 
ATOM 83  H "H3'"  . C A 1 3 ? -5.341  -8.146  -0.977  1.00 0.00 ? 3 C A "H3'"  1 
ATOM 84  H "H2'"  . C A 1 3 ? -3.363  -7.232  -0.174  1.00 0.00 ? 3 C A "H2'"  1 
ATOM 85  H "HO2'" . C A 1 3 ? -3.018  -7.943  1.827   1.00 0.00 ? 3 C A "HO2'" 1 
ATOM 86  H "H1'"  . C A 1 3 ? -1.609  -9.319  -0.550  1.00 0.00 ? 3 C A "H1'"  1 
ATOM 87  H H41    . C A 1 3 ? -0.013  -5.695  -5.503  1.00 0.00 ? 3 C A H41    1 
ATOM 88  H H42    . C A 1 3 ? -1.685  -5.596  -6.034  1.00 0.00 ? 3 C A H42    1 
ATOM 89  H H5     . C A 1 3 ? -3.515  -6.556  -4.831  1.00 0.00 ? 3 C A H5     1 
ATOM 90  H H6     . C A 1 3 ? -4.171  -7.864  -2.875  1.00 0.00 ? 3 C A H6     1 
ATOM 91  P P      . C A 1 4 ? -5.718  -7.887  2.050   1.00 0.00 ? 4 C A P      1 
ATOM 92  O OP1    . C A 1 4 ? -5.031  -8.359  3.273   1.00 0.00 ? 4 C A OP1    1 
ATOM 93  O OP2    . C A 1 4 ? -7.151  -7.522  2.114   1.00 0.00 ? 4 C A OP2    1 
ATOM 94  O "O5'"  . C A 1 4 ? -4.904  -6.615  1.485   1.00 0.00 ? 4 C A "O5'"  1 
ATOM 95  C "C5'"  . C A 1 4 ? -5.255  -5.284  1.904   1.00 0.00 ? 4 C A "C5'"  1 
ATOM 96  C "C4'"  . C A 1 4 ? -4.222  -4.697  2.873   1.00 0.00 ? 4 C A "C4'"  1 
ATOM 97  O "O4'"  . C A 1 4 ? -2.943  -4.549  2.219   1.00 0.00 ? 4 C A "O4'"  1 
ATOM 98  C "C3'"  . C A 1 4 ? -4.650  -3.330  3.380   1.00 0.00 ? 4 C A "C3'"  1 
ATOM 99  O "O3'"  . C A 1 4 ? -5.108  -3.421  4.734   1.00 0.00 ? 4 C A "O3'"  1 
ATOM 100 C "C2'"  . C A 1 4 ? -3.418  -2.457  3.276   1.00 0.00 ? 4 C A "C2'"  1 
ATOM 101 O "O2'"  . C A 1 4 ? -2.809  -2.268  4.558   1.00 0.00 ? 4 C A "O2'"  1 
ATOM 102 C "C1'"  . C A 1 4 ? -2.477  -3.187  2.339   1.00 0.00 ? 4 C A "C1'"  1 
ATOM 103 N N1     . C A 1 4 ? -2.431  -2.518  1.016   1.00 0.00 ? 4 C A N1     1 
ATOM 104 C C2     . C A 1 4 ? -1.189  -2.146  0.536   1.00 0.00 ? 4 C A C2     1 
ATOM 105 O O2     . C A 1 4 ? -0.182  -2.356  1.206   1.00 0.00 ? 4 C A O2     1 
ATOM 106 N N3     . C A 1 4 ? -1.123  -1.543  -0.682  1.00 0.00 ? 4 C A N3     1 
ATOM 107 C C4     . C A 1 4 ? -2.226  -1.310  -1.400  1.00 0.00 ? 4 C A C4     1 
ATOM 108 N N4     . C A 1 4 ? -2.121  -0.719  -2.589  1.00 0.00 ? 4 C A N4     1 
ATOM 109 C C5     . C A 1 4 ? -3.511  -1.687  -0.909  1.00 0.00 ? 4 C A C5     1 
ATOM 110 C C6     . C A 1 4 ? -3.570  -2.284  0.294   1.00 0.00 ? 4 C A C6     1 
ATOM 111 H "H5'"  . C A 1 4 ? -6.228  -5.309  2.396   1.00 0.00 ? 4 C A "H5'"  1 
ATOM 112 H "H5''" . C A 1 4 ? -5.318  -4.642  1.026   1.00 0.00 ? 4 C A "H5''" 1 
ATOM 113 H "H4'"  . C A 1 4 ? -4.113  -5.359  3.730   1.00 0.00 ? 4 C A "H4'"  1 
ATOM 114 H "H3'"  . C A 1 4 ? -5.444  -2.934  2.741   1.00 0.00 ? 4 C A "H3'"  1 
ATOM 115 H "H2'"  . C A 1 4 ? -3.679  -1.494  2.843   1.00 0.00 ? 4 C A "H2'"  1 
ATOM 116 H "HO2'" . C A 1 4 ? -3.492  -1.951  5.154   1.00 0.00 ? 4 C A "HO2'" 1 
ATOM 117 H "H1'"  . C A 1 4 ? -1.476  -3.190  2.771   1.00 0.00 ? 4 C A "H1'"  1 
ATOM 118 H H41    . C A 1 4 ? -1.213  -0.455  -2.942  1.00 0.00 ? 4 C A H41    1 
ATOM 119 H H42    . C A 1 4 ? -2.949  -0.538  -3.139  1.00 0.00 ? 4 C A H42    1 
ATOM 120 H H5     . C A 1 4 ? -4.415  -1.497  -1.490  1.00 0.00 ? 4 C A H5     1 
ATOM 121 H H6     . C A 1 4 ? -4.536  -2.588  0.693   1.00 0.00 ? 4 C A H6     1 
ATOM 122 P P      . C A 1 5 ? -5.970  -2.234  5.397   1.00 0.00 ? 5 C A P      1 
ATOM 123 O OP1    . C A 1 5 ? -6.884  -2.829  6.397   1.00 0.00 ? 5 C A OP1    1 
ATOM 124 O OP2    . C A 1 5 ? -6.517  -1.392  4.308   1.00 0.00 ? 5 C A OP2    1 
ATOM 125 O "O5'"  . C A 1 5 ? -4.847  -1.386  6.183   1.00 0.00 ? 5 C A "O5'"  1 
ATOM 126 C "C5'"  . C A 1 5 ? -4.854  0.042   6.146   1.00 0.00 ? 5 C A "C5'"  1 
ATOM 127 C "C4'"  . C A 1 5 ? -3.518  0.625   6.602   1.00 0.00 ? 5 C A "C4'"  1 
ATOM 128 O "O4'"  . C A 1 5 ? -2.594  0.733   5.498   1.00 0.00 ? 5 C A "O4'"  1 
ATOM 129 C "C3'"  . C A 1 5 ? -3.705  2.012   7.185   1.00 0.00 ? 5 C A "C3'"  1 
ATOM 130 O "O3'"  . C A 1 5 ? -3.700  1.974   8.619   1.00 0.00 ? 5 C A "O3'"  1 
ATOM 131 C "C2'"  . C A 1 5 ? -2.552  2.814   6.664   1.00 0.00 ? 5 C A "C2'"  1 
ATOM 132 O "O2'"  . C A 1 5 ? -1.546  2.908   7.660   1.00 0.00 ? 5 C A "O2'"  1 
ATOM 133 C "C1'"  . C A 1 5 ? -2.044  2.067   5.446   1.00 0.00 ? 5 C A "C1'"  1 
ATOM 134 N N1     . C A 1 5 ? -2.445  2.748   4.193   1.00 0.00 ? 5 C A N1     1 
ATOM 135 C C2     . C A 1 5 ? -1.452  3.385   3.465   1.00 0.00 ? 5 C A C2     1 
ATOM 136 O O2     . C A 1 5 ? -0.300  3.419   3.892   1.00 0.00 ? 5 C A O2     1 
ATOM 137 N N3     . C A 1 5 ? -1.793  3.970   2.283   1.00 0.00 ? 5 C A N3     1 
ATOM 138 C C4     . C A 1 5 ? -3.052  3.934   1.833   1.00 0.00 ? 5 C A C4     1 
ATOM 139 N N4     . C A 1 5 ? -3.346  4.503   0.664   1.00 0.00 ? 5 C A N4     1 
ATOM 140 C C5     . C A 1 5 ? -4.081  3.285   2.583   1.00 0.00 ? 5 C A C5     1 
ATOM 141 C C6     . C A 1 5 ? -3.737  2.710   3.749   1.00 0.00 ? 5 C A C6     1 
ATOM 142 H "H5'"  . C A 1 5 ? -5.645  0.408   6.801   1.00 0.00 ? 5 C A "H5'"  1 
ATOM 143 H "H5''" . C A 1 5 ? -5.055  0.370   5.127   1.00 0.00 ? 5 C A "H5''" 1 
ATOM 144 H "H4'"  . C A 1 5 ? -3.080  -0.020  7.364   1.00 0.00 ? 5 C A "H4'"  1 
ATOM 145 H "H3'"  . C A 1 5 ? -4.637  2.443   6.823   1.00 0.00 ? 5 C A "H3'"  1 
ATOM 146 H "H2'"  . C A 1 5 ? -2.884  3.807   6.381   1.00 0.00 ? 5 C A "H2'"  1 
ATOM 147 H "HO2'" . C A 1 5 ? -1.944  3.343   8.418   1.00 0.00 ? 5 C A "HO2'" 1 
ATOM 148 H "H1'"  . C A 1 5 ? -0.958  2.012   5.491   1.00 0.00 ? 5 C A "H1'"  1 
ATOM 149 H H41    . C A 1 5 ? -2.619  4.958   0.129   1.00 0.00 ? 5 C A H41    1 
ATOM 150 H H42    . C A 1 5 ? -4.291  4.475   0.310   1.00 0.00 ? 5 C A H42    1 
ATOM 151 H H5     . C A 1 5 ? -5.110  3.258   2.223   1.00 0.00 ? 5 C A H5     1 
ATOM 152 H H6     . C A 1 5 ? -4.498  2.221   4.352   1.00 0.00 ? 5 C A H6     1 
ATOM 153 P P      . C A 1 6 ? -4.373  3.158   9.481   1.00 0.00 ? 6 C A P      1 
ATOM 154 O OP1    . C A 1 6 ? -4.758  2.607   10.800  1.00 0.00 ? 6 C A OP1    1 
ATOM 155 O OP2    . C A 1 6 ? -5.390  3.827   8.638   1.00 0.00 ? 6 C A OP2    1 
ATOM 156 O "O5'"  . C A 1 6 ? -3.150  4.185   9.702   1.00 0.00 ? 6 C A "O5'"  1 
ATOM 157 C "C5'"  . C A 1 6 ? -3.385  5.464   10.301  1.00 0.00 ? 6 C A "C5'"  1 
ATOM 158 C "C4'"  . C A 1 6 ? -2.103  6.287   10.429  1.00 0.00 ? 6 C A "C4'"  1 
ATOM 159 O "O4'"  . C A 1 6 ? -1.468  6.463   9.142   1.00 0.00 ? 6 C A "O4'"  1 
ATOM 160 C "C3'"  . C A 1 6 ? -2.404  7.667   10.993  1.00 0.00 ? 6 C A "C3'"  1 
ATOM 161 O "O3'"  . C A 1 6 ? -1.985  7.759   12.359  1.00 0.00 ? 6 C A "O3'"  1 
ATOM 162 C "C2'"  . C A 1 6 ? -1.640  8.641   10.130  1.00 0.00 ? 6 C A "C2'"  1 
ATOM 163 O "O2'"  . C A 1 6 ? -0.494  9.145   10.826  1.00 0.00 ? 6 C A "O2'"  1 
ATOM 164 C "C1'"  . C A 1 6 ? -1.233  7.869   8.885   1.00 0.00 ? 6 C A "C1'"  1 
ATOM 165 N N1     . C A 1 6 ? -2.010  8.315   7.708   1.00 0.00 ? 6 C A N1     1 
ATOM 166 C C2     . C A 1 6 ? -1.340  8.990   6.685   1.00 0.00 ? 6 C A C2     1 
ATOM 167 O O2     . C A 1 6 ? -0.130  9.214   6.762   1.00 0.00 ? 6 C A O2     1 
ATOM 168 N N3     . C A 1 6 ? -2.060  9.381   5.598   1.00 0.00 ? 6 C A N3     1 
ATOM 169 C C4     . C A 1 6 ? -3.371  9.121   5.510   1.00 0.00 ? 6 C A C4     1 
ATOM 170 N N4     . C A 1 6 ? -4.040  9.480   4.418   1.00 0.00 ? 6 C A N4     1 
ATOM 171 C C5     . C A 1 6 ? -4.058  8.432   6.554   1.00 0.00 ? 6 C A C5     1 
ATOM 172 C C6     . C A 1 6 ? -3.346  8.052   7.628   1.00 0.00 ? 6 C A C6     1 
ATOM 173 H "H5'"  . C A 1 6 ? -3.810  5.316   11.295  1.00 0.00 ? 6 C A "H5'"  1 
ATOM 174 H "H5''" . C A 1 6 ? -4.100  6.014   9.691   1.00 0.00 ? 6 C A "H5''" 1 
ATOM 175 H "H4'"  . C A 1 6 ? -1.414  5.770   11.097  1.00 0.00 ? 6 C A "H4'"  1 
ATOM 176 H "H3'"  . C A 1 6 ? -3.477  7.871   10.918  1.00 0.00 ? 6 C A "H3'"  1 
ATOM 177 H "HO3'" . C A 1 6 ? -1.119  8.174   12.360  1.00 0.00 ? 6 C A "HO3'" 1 
ATOM 178 H "H2'"  . C A 1 6 ? -2.294  9.466   9.845   1.00 0.00 ? 6 C A "H2'"  1 
ATOM 179 H "HO2'" . C A 1 6 ? 0.214   9.250   10.188  1.00 0.00 ? 6 C A "HO2'" 1 
ATOM 180 H "H1'"  . C A 1 6 ? -0.173  8.025   8.696   1.00 0.00 ? 6 C A "H1'"  1 
ATOM 181 H H41    . C A 1 6 ? -3.571  9.988   3.680   1.00 0.00 ? 6 C A H41    1 
ATOM 182 H H42    . C A 1 6 ? -5.023  9.255   4.338   1.00 0.00 ? 6 C A H42    1 
ATOM 183 H H5     . C A 1 6 ? -5.126  8.222   6.484   1.00 0.00 ? 6 C A H5     1 
ATOM 184 H H6     . C A 1 6 ? -3.843  7.539   8.449   1.00 0.00 ? 6 C A H6     1 
ATOM 185 O "O5'"  . U B 1 1 ? -9.027  16.267  8.471   1.00 0.00 ? 1 U B "O5'"  1 
ATOM 186 C "C5'"  . U B 1 1 ? -9.686  17.415  7.930   1.00 0.00 ? 1 U B "C5'"  1 
ATOM 187 C "C4'"  . U B 1 1 ? -9.109  17.806  6.571   1.00 0.00 ? 1 U B "C4'"  1 
ATOM 188 O "O4'"  . U B 1 1 ? -7.765  18.311  6.714   1.00 0.00 ? 1 U B "O4'"  1 
ATOM 189 C "C3'"  . U B 1 1 ? -9.065  16.608  5.634   1.00 0.00 ? 1 U B "C3'"  1 
ATOM 190 O "O3'"  . U B 1 1 ? -10.035 16.730  4.587   1.00 0.00 ? 1 U B "O3'"  1 
ATOM 191 C "C2'"  . U B 1 1 ? -7.665  16.563  5.077   1.00 0.00 ? 1 U B "C2'"  1 
ATOM 192 O "O2'"  . U B 1 1 ? -7.649  16.888  3.684   1.00 0.00 ? 1 U B "O2'"  1 
ATOM 193 C "C1'"  . U B 1 1 ? -6.857  17.567  5.872   1.00 0.00 ? 1 U B "C1'"  1 
ATOM 194 N N1     . U B 1 1 ? -5.829  16.876  6.677   1.00 0.00 ? 1 U B N1     1 
ATOM 195 C C2     . U B 1 1 ? -4.621  16.585  6.064   1.00 0.00 ? 1 U B C2     1 
ATOM 196 O O2     . U B 1 1 ? -4.386  16.894  4.897   1.00 0.00 ? 1 U B O2     1 
ATOM 197 N N3     . U B 1 1 ? -3.692  15.920  6.840   1.00 0.00 ? 1 U B N3     1 
ATOM 198 C C4     . U B 1 1 ? -3.858  15.527  8.155   1.00 0.00 ? 1 U B C4     1 
ATOM 199 O O4     . U B 1 1 ? -2.956  14.943  8.753   1.00 0.00 ? 1 U B O4     1 
ATOM 200 C C5     . U B 1 1 ? -5.146  15.870  8.713   1.00 0.00 ? 1 U B C5     1 
ATOM 201 C C6     . U B 1 1 ? -6.073  16.522  7.974   1.00 0.00 ? 1 U B C6     1 
ATOM 202 H "H5'"  . U B 1 1 ? -9.567  18.251  8.619   1.00 0.00 ? 1 U B "H5'"  1 
ATOM 203 H "H5''" . U B 1 1 ? -10.748 17.196  7.816   1.00 0.00 ? 1 U B "H5''" 1 
ATOM 204 H "H4'"  . U B 1 1 ? -9.733  18.581  6.129   1.00 0.00 ? 1 U B "H4'"  1 
ATOM 205 H "H3'"  . U B 1 1 ? -9.252  15.698  6.208   1.00 0.00 ? 1 U B "H3'"  1 
ATOM 206 H "H2'"  . U B 1 1 ? -7.249  15.572  5.225   1.00 0.00 ? 1 U B "H2'"  1 
ATOM 207 H "HO2'" . U B 1 1 ? -7.196  16.170  3.236   1.00 0.00 ? 1 U B "HO2'" 1 
ATOM 208 H "H1'"  . U B 1 1 ? -6.367  18.248  5.187   1.00 0.00 ? 1 U B "H1'"  1 
ATOM 209 H H3     . U B 1 1 ? -2.810  15.696  6.404   1.00 0.00 ? 1 U B H3     1 
ATOM 210 H H5     . U B 1 1 ? -5.377  15.589  9.739   1.00 0.00 ? 1 U B H5     1 
ATOM 211 H H6     . U B 1 1 ? -7.033  16.776  8.423   1.00 0.00 ? 1 U B H6     1 
ATOM 212 H "HO5'" . U B 1 1 ? -9.690  15.748  8.933   1.00 0.00 ? 1 U B "HO5'" 1 
ATOM 213 P P      . C B 1 2 ? -10.576 15.423  3.811   1.00 0.00 ? 2 C B P      1 
ATOM 214 O OP1    . C B 1 2 ? -11.714 15.830  2.959   1.00 0.00 ? 2 C B OP1    1 
ATOM 215 O OP2    . C B 1 2 ? -10.750 14.335  4.802   1.00 0.00 ? 2 C B OP2    1 
ATOM 216 O "O5'"  . C B 1 2 ? -9.339  15.043  2.849   1.00 0.00 ? 2 C B "O5'"  1 
ATOM 217 C "C5'"  . C B 1 2 ? -8.590  13.836  3.045   1.00 0.00 ? 2 C B "C5'"  1 
ATOM 218 C "C4'"  . C B 1 2 ? -7.276  13.865  2.265   1.00 0.00 ? 2 C B "C4'"  1 
ATOM 219 O "O4'"  . C B 1 2 ? -6.271  14.633  2.962   1.00 0.00 ? 2 C B "O4'"  1 
ATOM 220 C "C3'"  . C B 1 2 ? -6.711  12.464  2.072   1.00 0.00 ? 2 C B "C3'"  1 
ATOM 221 O "O3'"  . C B 1 2 ? -7.098  11.865  0.818   1.00 0.00 ? 2 C B "O3'"  1 
ATOM 222 C "C2'"  . C B 1 2 ? -5.217  12.629  2.187   1.00 0.00 ? 2 C B "C2'"  1 
ATOM 223 O "O2'"  . C B 1 2 ? -4.600  12.767  0.902   1.00 0.00 ? 2 C B "O2'"  1 
ATOM 224 C "C1'"  . C B 1 2 ? -5.029  13.886  3.016   1.00 0.00 ? 2 C B "C1'"  1 
ATOM 225 N N1     . C B 1 2 ? -4.682  13.516  4.408   1.00 0.00 ? 2 C B N1     1 
ATOM 226 C C2     . C B 1 2 ? -3.342  13.302  4.696   1.00 0.00 ? 2 C B C2     1 
ATOM 227 O O2     . C B 1 2 ? -2.484  13.500  3.837   1.00 0.00 ? 2 C B O2     1 
ATOM 228 N N3     . C B 1 2 ? -3.010  12.882  5.945   1.00 0.00 ? 2 C B N3     1 
ATOM 229 C C4     . C B 1 2 ? -3.943  12.681  6.881   1.00 0.00 ? 2 C B C4     1 
ATOM 230 N N4     . C B 1 2 ? -3.576  12.210  8.075   1.00 0.00 ? 2 C B N4     1 
ATOM 231 C C5     . C B 1 2 ? -5.327  12.912  6.600   1.00 0.00 ? 2 C B C5     1 
ATOM 232 C C6     . C B 1 2 ? -5.652  13.325  5.356   1.00 0.00 ? 2 C B C6     1 
ATOM 233 H "H5'"  . C B 1 2 ? -9.186  12.988  2.708   1.00 0.00 ? 2 C B "H5'"  1 
ATOM 234 H "H5''" . C B 1 2 ? -8.372  13.721  4.106   1.00 0.00 ? 2 C B "H5''" 1 
ATOM 235 H "H4'"  . C B 1 2 ? -7.453  14.320  1.292   1.00 0.00 ? 2 C B "H4'"  1 
ATOM 236 H "H3'"  . C B 1 2 ? -7.056  11.835  2.899   1.00 0.00 ? 2 C B "H3'"  1 
ATOM 237 H "H2'"  . C B 1 2 ? -4.789  11.779  2.714   1.00 0.00 ? 2 C B "H2'"  1 
ATOM 238 H "HO2'" . C B 1 2 ? -4.305  11.898  0.626   1.00 0.00 ? 2 C B "HO2'" 1 
ATOM 239 H "H1'"  . C B 1 2 ? -4.226  14.485  2.591   1.00 0.00 ? 2 C B "H1'"  1 
ATOM 240 H H41    . C B 1 2 ? -2.598  12.056  8.273   1.00 0.00 ? 2 C B H41    1 
ATOM 241 H H42    . C B 1 2 ? -4.270  12.011  8.781   1.00 0.00 ? 2 C B H42    1 
ATOM 242 H H5     . C B 1 2 ? -6.088  12.784  7.371   1.00 0.00 ? 2 C B H5     1 
ATOM 243 H H6     . C B 1 2 ? -6.698  13.501  5.102   1.00 0.00 ? 2 C B H6     1 
ATOM 244 P P      . C B 1 3 ? -7.117  12.676  -0.581  1.00 0.00 ? 3 C B P      1 
ATOM 245 O OP1    . C B 1 3 ? -6.368  13.942  -0.410  1.00 0.00 ? 3 C B OP1    1 
ATOM 246 O OP2    . C B 1 3 ? -8.513  12.710  -1.071  1.00 0.00 ? 3 C B OP2    1 
ATOM 247 O "O5'"  . C B 1 3 ? -6.265  11.714  -1.559  1.00 0.00 ? 3 C B "O5'"  1 
ATOM 248 C "C5'"  . C B 1 3 ? -5.849  10.404  -1.144  1.00 0.00 ? 3 C B "C5'"  1 
ATOM 249 C "C4'"  . C B 1 3 ? -4.391  10.144  -1.515  1.00 0.00 ? 3 C B "C4'"  1 
ATOM 250 O "O4'"  . C B 1 3 ? -3.545  10.130  -0.344  1.00 0.00 ? 3 C B "O4'"  1 
ATOM 251 C "C3'"  . C B 1 3 ? -4.212  8.812   -2.228  1.00 0.00 ? 3 C B "C3'"  1 
ATOM 252 O "O3'"  . C B 1 3 ? -4.198  9.014   -3.655  1.00 0.00 ? 3 C B "O3'"  1 
ATOM 253 C "C2'"  . C B 1 3 ? -2.890  8.296   -1.715  1.00 0.00 ? 3 C B "C2'"  1 
ATOM 254 O "O2'"  . C B 1 3 ? -1.846  8.672   -2.615  1.00 0.00 ? 3 C B "O2'"  1 
ATOM 255 C "C1'"  . C B 1 3 ? -2.666  8.983   -0.389  1.00 0.00 ? 3 C B "C1'"  1 
ATOM 256 N N1     . C B 1 3 ? -2.939  8.081   0.752   1.00 0.00 ? 3 C B N1     1 
ATOM 257 C C2     . C B 1 3 ? -1.879  7.780   1.601   1.00 0.00 ? 3 C B C2     1 
ATOM 258 O O2     . C B 1 3 ? -0.735  8.162   1.336   1.00 0.00 ? 3 C B O2     1 
ATOM 259 N N3     . C B 1 3 ? -2.138  7.032   2.709   1.00 0.00 ? 3 C B N3     1 
ATOM 260 C C4     . C B 1 3 ? -3.374  6.592   2.974   1.00 0.00 ? 3 C B C4     1 
ATOM 261 N N4     . C B 1 3 ? -3.594  5.879   4.077   1.00 0.00 ? 3 C B N4     1 
ATOM 262 C C5     . C B 1 3 ? -4.464  6.887   2.099   1.00 0.00 ? 3 C B C5     1 
ATOM 263 C C6     . C B 1 3 ? -4.208  7.625   1.004   1.00 0.00 ? 3 C B C6     1 
ATOM 264 H "H5'"  . C B 1 3 ? -6.483  9.660   -1.627  1.00 0.00 ? 3 C B "H5'"  1 
ATOM 265 H "H5''" . C B 1 3 ? -5.962  10.319  -0.062  1.00 0.00 ? 3 C B "H5''" 1 
ATOM 266 H "H4'"  . C B 1 3 ? -4.049  10.935  -2.179  1.00 0.00 ? 3 C B "H4'"  1 
ATOM 267 H "H3'"  . C B 1 3 ? -5.021  8.128   -1.947  1.00 0.00 ? 3 C B "H3'"  1 
ATOM 268 H "H2'"  . C B 1 3 ? -2.918  7.211   -1.568  1.00 0.00 ? 3 C B "H2'"  1 
ATOM 269 H "HO2'" . C B 1 3 ? -1.663  7.932   -3.188  1.00 0.00 ? 3 C B "HO2'" 1 
ATOM 270 H "H1'"  . C B 1 3 ? -1.625  9.312   -0.345  1.00 0.00 ? 3 C B "H1'"  1 
ATOM 271 H H41    . C B 1 3 ? -2.827  5.664   4.705   1.00 0.00 ? 3 C B H41    1 
ATOM 272 H H42    . C B 1 3 ? -4.528  5.552   4.285   1.00 0.00 ? 3 C B H42    1 
ATOM 273 H H5     . C B 1 3 ? -5.470  6.524   2.311   1.00 0.00 ? 3 C B H5     1 
ATOM 274 H H6     . C B 1 3 ? -5.016  7.837   0.300   1.00 0.00 ? 3 C B H6     1 
ATOM 275 P P      . C B 1 4 ? -3.704  7.887   -4.713  1.00 0.00 ? 4 C B P      1 
ATOM 276 O OP1    . C B 1 4 ? -2.400  8.320   -5.264  1.00 0.00 ? 4 C B OP1    1 
ATOM 277 O OP2    . C B 1 4 ? -4.827  7.605   -5.635  1.00 0.00 ? 4 C B OP2    1 
ATOM 278 O "O5'"  . C B 1 4 ? -3.451  6.570   -3.818  1.00 0.00 ? 4 C B "O5'"  1 
ATOM 279 C "C5'"  . C B 1 4 ? -3.521  5.262   -4.412  1.00 0.00 ? 4 C B "C5'"  1 
ATOM 280 C "C4'"  . C B 1 4 ? -2.129  4.687   -4.692  1.00 0.00 ? 4 C B "C4'"  1 
ATOM 281 O "O4'"  . C B 1 4 ? -1.375  4.572   -3.467  1.00 0.00 ? 4 C B "O4'"  1 
ATOM 282 C "C3'"  . C B 1 4 ? -2.213  3.308   -5.321  1.00 0.00 ? 4 C B "C3'"  1 
ATOM 283 O "O3'"  . C B 1 4 ? -1.898  3.376   -6.719  1.00 0.00 ? 4 C B "O3'"  1 
ATOM 284 C "C2'"  . C B 1 4 ? -1.204  2.463   -4.576  1.00 0.00 ? 4 C B "C2'"  1 
ATOM 285 O "O2'"  . C B 1 4 ? -0.014  2.275   -5.350  1.00 0.00 ? 4 C B "O2'"  1 
ATOM 286 C "C1'"  . C B 1 4 ? -0.900  3.219   -3.298  1.00 0.00 ? 4 C B "C1'"  1 
ATOM 287 N N1     . C B 1 4 ? -1.550  2.564   -2.136  1.00 0.00 ? 4 C B N1     1 
ATOM 288 C C2     . C B 1 4 ? -0.739  2.222   -1.067  1.00 0.00 ? 4 C B C2     1 
ATOM 289 O O2     . C B 1 4 ? 0.466   2.455   -1.109  1.00 0.00 ? 4 C B O2     1 
ATOM 290 N N3     . C B 1 4 ? -1.314  1.624   0.011   1.00 0.00 ? 4 C B N3     1 
ATOM 291 C C4     . C B 1 4 ? -2.626  1.369   0.044   1.00 0.00 ? 4 C B C4     1 
ATOM 292 N N4     . C B 1 4 ? -3.152  0.780   1.118   1.00 0.00 ? 4 C B N4     1 
ATOM 293 C C5     . C B 1 4 ? -3.469  1.717   -1.054  1.00 0.00 ? 4 C B C5     1 
ATOM 294 C C6     . C B 1 4 ? -2.895  2.308   -2.117  1.00 0.00 ? 4 C B C6     1 
ATOM 295 H "H5'"  . C B 1 4 ? -4.074  5.324   -5.349  1.00 0.00 ? 4 C B "H5'"  1 
ATOM 296 H "H5''" . C B 1 4 ? -4.050  4.592   -3.734  1.00 0.00 ? 4 C B "H5''" 1 
ATOM 297 H "H4'"  . C B 1 4 ? -1.598  5.343   -5.380  1.00 0.00 ? 4 C B "H4'"  1 
ATOM 298 H "H3'"  . C B 1 4 ? -3.218  2.900   -5.182  1.00 0.00 ? 4 C B "H3'"  1 
ATOM 299 H "H2'"  . C B 1 4 ? -1.639  1.497   -4.325  1.00 0.00 ? 4 C B "H2'"  1 
ATOM 300 H "HO2'" . C B 1 4 ? -0.285  1.945   -6.211  1.00 0.00 ? 4 C B "HO2'" 1 
ATOM 301 H "H1'"  . C B 1 4 ? 0.178   3.236   -3.141  1.00 0.00 ? 4 C B "H1'"  1 
ATOM 302 H H41    . C B 1 4 ? -2.559  0.536   1.899   1.00 0.00 ? 4 C B H41    1 
ATOM 303 H H42    . C B 1 4 ? -4.140  0.580   1.153   1.00 0.00 ? 4 C B H42    1 
ATOM 304 H H5     . C B 1 4 ? -4.539  1.509   -1.033  1.00 0.00 ? 4 C B H5     1 
ATOM 305 H H6     . C B 1 4 ? -3.512  2.592   -2.968  1.00 0.00 ? 4 C B H6     1 
ATOM 306 P P      . C B 1 5 ? -2.322  2.190   -7.723  1.00 0.00 ? 5 C B P      1 
ATOM 307 O OP1    . C B 1 5 ? -2.589  2.784   -9.052  1.00 0.00 ? 5 C B OP1    1 
ATOM 308 O OP2    . C B 1 5 ? -3.361  1.366   -7.061  1.00 0.00 ? 5 C B OP2    1 
ATOM 309 O "O5'"  . C B 1 5 ? -0.969  1.320   -7.823  1.00 0.00 ? 5 C B "O5'"  1 
ATOM 310 C "C5'"  . C B 1 5 ? -1.005  -0.101  -7.683  1.00 0.00 ? 5 C B "C5'"  1 
ATOM 311 C "C4'"  . C B 1 5 ? 0.380   -0.676  -7.403  1.00 0.00 ? 5 C B "C4'"  1 
ATOM 312 O "O4'"  . C B 1 5 ? 0.619   -0.779  -5.982  1.00 0.00 ? 5 C B "O4'"  1 
ATOM 313 C "C3'"  . C B 1 5 ? 0.521   -2.065  -7.998  1.00 0.00 ? 5 C B "C3'"  1 
ATOM 314 O "O3'"  . C B 1 5 ? 1.266   -2.029  -9.222  1.00 0.00 ? 5 C B "O3'"  1 
ATOM 315 C "C2'"  . C B 1 5 ? 1.237   -2.868  -6.955  1.00 0.00 ? 5 C B "C2'"  1 
ATOM 316 O "O2'"  . C B 1 5 ? 2.607   -2.974  -7.294  1.00 0.00 ? 5 C B "O2'"  1 
ATOM 317 C "C1'"  . C B 1 5 ? 1.053   -2.117  -5.652  1.00 0.00 ? 5 C B "C1'"  1 
ATOM 318 N N1     . C B 1 5 ? 0.056   -2.790  -4.783  1.00 0.00 ? 5 C B N1     1 
ATOM 319 C C2     . C B 1 5 ? 0.524   -3.437  -3.648  1.00 0.00 ? 5 C B C2     1 
ATOM 320 O O2     . C B 1 5 ? 1.731   -3.486  -3.420  1.00 0.00 ? 5 C B O2     1 
ATOM 321 N N3     . C B 1 5 ? -0.385  -4.016  -2.811  1.00 0.00 ? 5 C B N3     1 
ATOM 322 C C4     . C B 1 5 ? -1.696  -3.962  -3.076  1.00 0.00 ? 5 C B C4     1 
ATOM 323 N N4     . C B 1 5 ? -2.559  -4.515  -2.221  1.00 0.00 ? 5 C B N4     1 
ATOM 324 C C5     . C B 1 5 ? -2.184  -3.305  -4.247  1.00 0.00 ? 5 C B C5     1 
ATOM 325 C C6     . C B 1 5 ? -1.280  -2.737  -5.069  1.00 0.00 ? 5 C B C6     1 
ATOM 326 H "H5'"  . C B 1 5 ? -1.393  -0.539  -8.604  1.00 0.00 ? 5 C B "H5'"  1 
ATOM 327 H "H5''" . C B 1 5 ? -1.670  -0.361  -6.860  1.00 0.00 ? 5 C B "H5''" 1 
ATOM 328 H "H4'"  . C B 1 5 ? 1.138   -0.027  -7.841  1.00 0.00 ? 5 C B "H4'"  1 
ATOM 329 H "H3'"  . C B 1 5 ? -0.466  -2.495  -8.169  1.00 0.00 ? 5 C B "H3'"  1 
ATOM 330 H "H2'"  . C B 1 5 ? 0.801   -3.855  -6.878  1.00 0.00 ? 5 C B "H2'"  1 
ATOM 331 H "HO2'" . C B 1 5 ? 2.648   -3.408  -8.150  1.00 0.00 ? 5 C B "HO2'" 1 
ATOM 332 H "H1'"  . C B 1 5 ? 2.008   -2.067  -5.130  1.00 0.00 ? 5 C B "H1'"  1 
ATOM 333 H H41    . C B 1 5 ? -2.217  -4.972  -1.387  1.00 0.00 ? 5 C B H41    1 
ATOM 334 H H42    . C B 1 5 ? -3.553  -4.469  -2.403  1.00 0.00 ? 5 C B H42    1 
ATOM 335 H H5     . C B 1 5 ? -3.251  -3.264  -4.469  1.00 0.00 ? 5 C B H5     1 
ATOM 336 H H6     . C B 1 5 ? -1.617  -2.245  -5.977  1.00 0.00 ? 5 C B H6     1 
ATOM 337 P P      . C B 1 6 ? 1.135   -3.218  -10.305 1.00 0.00 ? 6 C B P      1 
ATOM 338 O OP1    . C B 1 6 ? 1.415   -2.654  -11.645 1.00 0.00 ? 6 C B OP1    1 
ATOM 339 O OP2    . C B 1 6 ? -0.138  -3.933  -10.060 1.00 0.00 ? 6 C B OP2    1 
ATOM 340 O "O5'"  . C B 1 6 ? 2.349   -4.204  -9.910  1.00 0.00 ? 6 C B "O5'"  1 
ATOM 341 C "C5'"  . C B 1 6 ? 2.555   -5.420  -10.639 1.00 0.00 ? 6 C B "C5'"  1 
ATOM 342 C "C4'"  . C B 1 6 ? 3.702   -6.248  -10.062 1.00 0.00 ? 6 C B "C4'"  1 
ATOM 343 O "O4'"  . C B 1 6 ? 3.559   -6.410  -8.634  1.00 0.00 ? 6 C B "O4'"  1 
ATOM 344 C "C3'"  . C B 1 6 ? 3.733   -7.635  -10.687 1.00 0.00 ? 6 C B "C3'"  1 
ATOM 345 O "O3'"  . C B 1 6 ? 4.811   -7.745  -11.623 1.00 0.00 ? 6 C B "O3'"  1 
ATOM 346 C "C2'"  . C B 1 6 ? 3.917   -8.600  -9.541  1.00 0.00 ? 6 C B "C2'"  1 
ATOM 347 O "O2'"  . C B 1 6 ? 5.251   -9.122  -9.518  1.00 0.00 ? 6 C B "O2'"  1 
ATOM 348 C "C1'"  . C B 1 6 ? 3.617   -7.811  -8.278  1.00 0.00 ? 6 C B "C1'"  1 
ATOM 349 N N1     . C B 1 6 ? 2.340   -8.249  -7.675  1.00 0.00 ? 6 C B N1     1 
ATOM 350 C C2     . C B 1 6 ? 2.387   -8.946  -6.472  1.00 0.00 ? 6 C B C2     1 
ATOM 351 O O2     . C B 1 6 ? 3.465   -9.194  -5.933  1.00 0.00 ? 6 C B O2     1 
ATOM 352 N N3     . C B 1 6 ? 1.211   -9.335  -5.909  1.00 0.00 ? 6 C B N3     1 
ATOM 353 C C4     . C B 1 6 ? 0.041   -9.052  -6.495  1.00 0.00 ? 6 C B C4     1 
ATOM 354 N N4     . C B 1 6 ? -1.093  -9.418  -5.902  1.00 0.00 ? 6 C B N4     1 
ATOM 355 C C5     . C B 1 6 ? -0.011  -8.338  -7.730  1.00 0.00 ? 6 C B C5     1 
ATOM 356 C C6     . C B 1 6 ? 1.155   -7.959  -8.283  1.00 0.00 ? 6 C B C6     1 
ATOM 357 H "H5'"  . C B 1 6 ? 2.782   -5.176  -11.677 1.00 0.00 ? 6 C B "H5'"  1 
ATOM 358 H "H5''" . C B 1 6 ? 1.639   -6.010  -10.608 1.00 0.00 ? 6 C B "H5''" 1 
ATOM 359 H "H4'"  . C B 1 6 ? 4.645   -5.742  -10.269 1.00 0.00 ? 6 C B "H4'"  1 
ATOM 360 H "H3'"  . C B 1 6 ? 2.781   -7.837  -11.190 1.00 0.00 ? 6 C B "H3'"  1 
ATOM 361 H "HO3'" . C B 1 6 ? 5.527   -8.199  -11.176 1.00 0.00 ? 6 C B "HO3'" 1 
ATOM 362 H "H2'"  . C B 1 6 ? 3.199   -9.416  -9.635  1.00 0.00 ? 6 C B "H2'"  1 
ATOM 363 H "HO2'" . C B 1 6 ? 5.499   -9.249  -8.599  1.00 0.00 ? 6 C B "HO2'" 1 
ATOM 364 H "H1'"  . C B 1 6 ? 4.422   -7.964  -7.561  1.00 0.00 ? 6 C B "H1'"  1 
ATOM 365 H H41    . C B 1 6 ? -1.069  -9.941  -5.035  1.00 0.00 ? 6 C B H41    1 
ATOM 366 H H42    . C B 1 6 ? -1.979  -9.183  -6.329  1.00 0.00 ? 6 C B H42    1 
ATOM 367 H H5     . C B 1 6 ? -0.964  -8.106  -8.208  1.00 0.00 ? 6 C B H5     1 
ATOM 368 H H6     . C B 1 6 ? 1.154   -7.429  -9.235  1.00 0.00 ? 6 C B H6     1 
ATOM 369 O "O5'"  . U C 1 1 ? 7.725   -18.597 -4.003  1.00 0.00 ? 1 U C "O5'"  1 
ATOM 370 C "C5'"  . U C 1 1 ? 8.792   -19.012 -4.861  1.00 0.00 ? 1 U C "C5'"  1 
ATOM 371 C "C4'"  . U C 1 1 ? 8.942   -18.083 -6.063  1.00 0.00 ? 1 U C "C4'"  1 
ATOM 372 O "O4'"  . U C 1 1 ? 7.807   -18.202 -6.946  1.00 0.00 ? 1 U C "O4'"  1 
ATOM 373 C "C3'"  . U C 1 1 ? 9.043   -16.631 -5.619  1.00 0.00 ? 1 U C "C3'"  1 
ATOM 374 O "O3'"  . U C 1 1 ? 10.368  -16.120 -5.809  1.00 0.00 ? 1 U C "O3'"  1 
ATOM 375 C "C2'"  . U C 1 1 ? 8.041   -15.870 -6.448  1.00 0.00 ? 1 U C "C2'"  1 
ATOM 376 O "O2'"  . U C 1 1 ? 8.690   -14.999 -7.380  1.00 0.00 ? 1 U C "O2'"  1 
ATOM 377 C "C1'"  . U C 1 1 ? 7.209   -16.907 -7.171  1.00 0.00 ? 1 U C "C1'"  1 
ATOM 378 N N1     . U C 1 1 ? 5.813   -16.874 -6.688  1.00 0.00 ? 1 U C N1     1 
ATOM 379 C C2     . U C 1 1 ? 4.955   -15.956 -7.271  1.00 0.00 ? 1 U C C2     1 
ATOM 380 O O2     . U C 1 1 ? 5.314   -15.199 -8.171  1.00 0.00 ? 1 U C O2     1 
ATOM 381 N N3     . U C 1 1 ? 3.663   -15.940 -6.781  1.00 0.00 ? 1 U C N3     1 
ATOM 382 C C4     . U C 1 1 ? 3.160   -16.745 -5.775  1.00 0.00 ? 1 U C C4     1 
ATOM 383 O O4     . U C 1 1 ? 1.988   -16.646 -5.422  1.00 0.00 ? 1 U C O4     1 
ATOM 384 C C5     . U C 1 1 ? 4.124   -17.670 -5.225  1.00 0.00 ? 1 U C C5     1 
ATOM 385 C C6     . U C 1 1 ? 5.396   -17.708 -5.689  1.00 0.00 ? 1 U C C6     1 
ATOM 386 H "H5'"  . U C 1 1 ? 8.590   -20.023 -5.216  1.00 0.00 ? 1 U C "H5'"  1 
ATOM 387 H "H5''" . U C 1 1 ? 9.723   -19.014 -4.293  1.00 0.00 ? 1 U C "H5''" 1 
ATOM 388 H "H4'"  . U C 1 1 ? 9.845   -18.352 -6.611  1.00 0.00 ? 1 U C "H4'"  1 
ATOM 389 H "H3'"  . U C 1 1 ? 8.765   -16.559 -4.565  1.00 0.00 ? 1 U C "H3'"  1 
ATOM 390 H "H2'"  . U C 1 1 ? 7.398   -15.290 -5.794  1.00 0.00 ? 1 U C "H2'"  1 
ATOM 391 H "HO2'" . U C 1 1 ? 8.327   -14.123 -7.241  1.00 0.00 ? 1 U C "HO2'" 1 
ATOM 392 H "H1'"  . U C 1 1 ? 7.218   -16.689 -8.232  1.00 0.00 ? 1 U C "H1'"  1 
ATOM 393 H H3     . U C 1 1 ? 3.028   -15.272 -7.191  1.00 0.00 ? 1 U C H3     1 
ATOM 394 H H5     . U C 1 1 ? 3.827   -18.337 -4.418  1.00 0.00 ? 1 U C H5     1 
ATOM 395 H H6     . U C 1 1 ? 6.102   -18.422 -5.262  1.00 0.00 ? 1 U C H6     1 
ATOM 396 H "HO5'" . U C 1 1 ? 8.038   -18.675 -3.099  1.00 0.00 ? 1 U C "HO5'" 1 
ATOM 397 P P      . C C 1 2 ? 10.887  -14.847 -4.965  1.00 0.00 ? 2 C C P      1 
ATOM 398 O OP1    . C C 1 2 ? 12.341  -14.702 -5.195  1.00 0.00 ? 2 C C OP1    1 
ATOM 399 O OP2    . C C 1 2 ? 10.368  -14.966 -3.582  1.00 0.00 ? 2 C C OP2    1 
ATOM 400 O "O5'"  . C C 1 2 ? 10.138  -13.614 -5.685  1.00 0.00 ? 2 C C "O5'"  1 
ATOM 401 C "C5'"  . C C 1 2 ? 9.152   -12.840 -4.989  1.00 0.00 ? 2 C C "C5'"  1 
ATOM 402 C "C4'"  . C C 1 2 ? 8.318   -12.000 -5.953  1.00 0.00 ? 2 C C "C4'"  1 
ATOM 403 O "O4'"  . C C 1 2 ? 7.287   -12.793 -6.580  1.00 0.00 ? 2 C C "O4'"  1 
ATOM 404 C "C3'"  . C C 1 2 ? 7.621   -10.858 -5.227  1.00 0.00 ? 2 C C "C3'"  1 
ATOM 405 O "O3'"  . C C 1 2 ? 8.359   -9.621  -5.286  1.00 0.00 ? 2 C C "O3'"  1 
ATOM 406 C "C2'"  . C C 1 2 ? 6.266   -10.742 -5.880  1.00 0.00 ? 2 C C "C2'"  1 
ATOM 407 O "O2'"  . C C 1 2 ? 6.245   -9.717  -6.881  1.00 0.00 ? 2 C C "O2'"  1 
ATOM 408 C "C1'"  . C C 1 2 ? 6.016   -12.103 -6.503  1.00 0.00 ? 2 C C "C1'"  1 
ATOM 409 N N1     . C C 1 2 ? 5.041   -12.855 -5.684  1.00 0.00 ? 2 C C N1     1 
ATOM 410 C C2     . C C 1 2 ? 3.696   -12.642 -5.947  1.00 0.00 ? 2 C C C2     1 
ATOM 411 O O2     . C C 1 2 ? 3.354   -11.907 -6.872  1.00 0.00 ? 2 C C O2     1 
ATOM 412 N N3     . C C 1 2 ? 2.780   -13.268 -5.165  1.00 0.00 ? 2 C C N3     1 
ATOM 413 C C4     . C C 1 2 ? 3.156   -14.073 -4.167  1.00 0.00 ? 2 C C C4     1 
ATOM 414 N N4     . C C 1 2 ? 2.217   -14.624 -3.394  1.00 0.00 ? 2 C C N4     1 
ATOM 415 C C5     . C C 1 2 ? 4.541   -14.310 -3.894  1.00 0.00 ? 2 C C C5     1 
ATOM 416 C C6     . C C 1 2 ? 5.448   -13.682 -4.672  1.00 0.00 ? 2 C C C6     1 
ATOM 417 H "H5'"  . C C 1 2 ? 9.655   -12.179 -4.283  1.00 0.00 ? 2 C C "H5'"  1 
ATOM 418 H "H5''" . C C 1 2 ? 8.495   -13.513 -4.439  1.00 0.00 ? 2 C C "H5''" 1 
ATOM 419 H "H4'"  . C C 1 2 ? 8.968   -11.594 -6.725  1.00 0.00 ? 2 C C "H4'"  1 
ATOM 420 H "H3'"  . C C 1 2 ? 7.477   -11.151 -4.181  1.00 0.00 ? 2 C C "H3'"  1 
ATOM 421 H "H2'"  . C C 1 2 ? 5.505   -10.540 -5.123  1.00 0.00 ? 2 C C "H2'"  1 
ATOM 422 H "HO2'" . C C 1 2 ? 5.952   -8.905  -6.464  1.00 0.00 ? 2 C C "HO2'" 1 
ATOM 423 H "H1'"  . C C 1 2 ? 5.615   -11.971 -7.508  1.00 0.00 ? 2 C C "H1'"  1 
ATOM 424 H H41    . C C 1 2 ? 1.242   -14.459 -3.597  1.00 0.00 ? 2 C C H41    1 
ATOM 425 H H42    . C C 1 2 ? 2.479   -15.205 -2.612  1.00 0.00 ? 2 C C H42    1 
ATOM 426 H H5     . C C 1 2 ? 4.850   -14.993 -3.102  1.00 0.00 ? 2 C C H5     1 
ATOM 427 H H6     . C C 1 2 ? 6.515   -13.828 -4.488  1.00 0.00 ? 2 C C H6     1 
ATOM 428 P P      . C C 1 3 ? 9.121   -9.114  -6.619  1.00 0.00 ? 3 C C P      1 
ATOM 429 O OP1    . C C 1 3 ? 8.540   -9.802  -7.794  1.00 0.00 ? 3 C C OP1    1 
ATOM 430 O OP2    . C C 1 3 ? 10.578  -9.189  -6.372  1.00 0.00 ? 3 C C OP2    1 
ATOM 431 O "O5'"  . C C 1 3 ? 8.704   -7.556  -6.691  1.00 0.00 ? 3 C C "O5'"  1 
ATOM 432 C "C5'"  . C C 1 3 ? 7.792   -6.989  -5.739  1.00 0.00 ? 3 C C "C5'"  1 
ATOM 433 C "C4'"  . C C 1 3 ? 6.661   -6.234  -6.435  1.00 0.00 ? 3 C C "C4'"  1 
ATOM 434 O "O4'"  . C C 1 3 ? 5.389   -6.888  -6.222  1.00 0.00 ? 3 C C "O4'"  1 
ATOM 435 C "C3'"  . C C 1 3 ? 6.538   -4.807  -5.931  1.00 0.00 ? 3 C C "C3'"  1 
ATOM 436 O "O3'"  . C C 1 3 ? 7.211   -3.901  -6.828  1.00 0.00 ? 3 C C "O3'"  1 
ATOM 437 C "C2'"  . C C 1 3 ? 5.056   -4.555  -5.897  1.00 0.00 ? 3 C C "C2'"  1 
ATOM 438 O "O2'"  . C C 1 3 ? 4.665   -3.931  -7.120  1.00 0.00 ? 3 C C "O2'"  1 
ATOM 439 C "C1'"  . C C 1 3 ? 4.406   -5.917  -5.799  1.00 0.00 ? 3 C C "C1'"  1 
ATOM 440 N N1     . C C 1 3 ? 3.948   -6.221  -4.421  1.00 0.00 ? 3 C C N1     1 
ATOM 441 C C2     . C C 1 3 ? 2.583   -6.422  -4.223  1.00 0.00 ? 3 C C C2     1 
ATOM 442 O O2     . C C 1 3 ? 1.782   -6.232  -5.142  1.00 0.00 ? 3 C C O2     1 
ATOM 443 N N3     . C C 1 3 ? 2.164   -6.809  -2.986  1.00 0.00 ? 3 C C N3     1 
ATOM 444 C C4     . C C 1 3 ? 3.035   -6.987  -1.984  1.00 0.00 ? 3 C C C4     1 
ATOM 445 N N4     . C C 1 3 ? 2.595   -7.395  -0.792  1.00 0.00 ? 3 C C N4     1 
ATOM 446 C C5     . C C 1 3 ? 4.434   -6.769  -2.178  1.00 0.00 ? 3 C C C5     1 
ATOM 447 C C6     . C C 1 3 ? 4.847   -6.387  -3.401  1.00 0.00 ? 3 C C C6     1 
ATOM 448 H "H5'"  . C C 1 3 ? 8.336   -6.302  -5.091  1.00 0.00 ? 3 C C "H5'"  1 
ATOM 449 H "H5''" . C C 1 3 ? 7.365   -7.787  -5.133  1.00 0.00 ? 3 C C "H5''" 1 
ATOM 450 H "H4'"  . C C 1 3 ? 6.857   -6.202  -7.505  1.00 0.00 ? 3 C C "H4'"  1 
ATOM 451 H "H3'"  . C C 1 3 ? 6.958   -4.725  -4.923  1.00 0.00 ? 3 C C "H3'"  1 
ATOM 452 H "H2'"  . C C 1 3 ? 4.782   -3.945  -5.032  1.00 0.00 ? 3 C C "H2'"  1 
ATOM 453 H "HO2'" . C C 1 3 ? 4.438   -3.027  -6.932  1.00 0.00 ? 3 C C "HO2'" 1 
ATOM 454 H "H1'"  . C C 1 3 ? 3.548   -5.940  -6.476  1.00 0.00 ? 3 C C "H1'"  1 
ATOM 455 H H41    . C C 1 3 ? 1.605   -7.556  -0.641  1.00 0.00 ? 3 C C H41    1 
ATOM 456 H H42    . C C 1 3 ? 3.254   -7.546  -0.040  1.00 0.00 ? 3 C C H42    1 
ATOM 457 H H5     . C C 1 3 ? 5.144   -6.908  -1.363  1.00 0.00 ? 3 C C H5     1 
ATOM 458 H H6     . C C 1 3 ? 5.908   -6.187  -3.571  1.00 0.00 ? 3 C C H6     1 
ATOM 459 P P      . C C 1 4 ? 7.044   -2.287  -6.756  1.00 0.00 ? 4 C C P      1 
ATOM 460 O OP1    . C C 1 4 ? 6.385   -1.840  -8.003  1.00 0.00 ? 4 C C OP1    1 
ATOM 461 O OP2    . C C 1 4 ? 8.354   -1.711  -6.376  1.00 0.00 ? 4 C C OP2    1 
ATOM 462 O "O5'"  . C C 1 4 ? 6.017   -2.039  -5.536  1.00 0.00 ? 4 C C "O5'"  1 
ATOM 463 C "C5'"  . C C 1 4 ? 6.052   -0.807  -4.796  1.00 0.00 ? 4 C C "C5'"  1 
ATOM 464 C "C4'"  . C C 1 4 ? 4.804   0.045   -5.043  1.00 0.00 ? 4 C C "C4'"  1 
ATOM 465 O "O4'"  . C C 1 4 ? 3.618   -0.646  -4.592  1.00 0.00 ? 4 C C "O4'"  1 
ATOM 466 C "C3'"  . C C 1 4 ? 4.881   1.368   -4.303  1.00 0.00 ? 4 C C "C3'"  1 
ATOM 467 O "O3'"  . C C 1 4 ? 5.203   2.430   -5.208  1.00 0.00 ? 4 C C "O3'"  1 
ATOM 468 C "C2'"  . C C 1 4 ? 3.513   1.567   -3.689  1.00 0.00 ? 4 C C "C2'"  1 
ATOM 469 O "O2'"  . C C 1 4 ? 2.740   2.508   -4.441  1.00 0.00 ? 4 C C "O2'"  1 
ATOM 470 C "C1'"  . C C 1 4 ? 2.857   0.202   -3.702  1.00 0.00 ? 4 C C "C1'"  1 
ATOM 471 N N1     . C C 1 4 ? 2.804   -0.366  -2.332  1.00 0.00 ? 4 C C N1     1 
ATOM 472 C C2     . C C 1 4 ? 1.567   -0.764  -1.859  1.00 0.00 ? 4 C C C2     1 
ATOM 473 O O2     . C C 1 4 ? 0.568   -0.639  -2.565  1.00 0.00 ? 4 C C O2     1 
ATOM 474 N N3     . C C 1 4 ? 1.494   -1.285  -0.605  1.00 0.00 ? 4 C C N3     1 
ATOM 475 C C4     . C C 1 4 ? 2.585   -1.411  0.157   1.00 0.00 ? 4 C C C4     1 
ATOM 476 N N4     . C C 1 4 ? 2.472   -1.934  1.378   1.00 0.00 ? 4 C C N4     1 
ATOM 477 C C5     . C C 1 4 ? 3.864   -1.001  -0.321  1.00 0.00 ? 4 C C C5     1 
ATOM 478 C C6     . C C 1 4 ? 3.931   -0.488  -1.562  1.00 0.00 ? 4 C C C6     1 
ATOM 479 H "H5'"  . C C 1 4 ? 6.934   -0.238  -5.091  1.00 0.00 ? 4 C C "H5'"  1 
ATOM 480 H "H5''" . C C 1 4 ? 6.118   -1.036  -3.732  1.00 0.00 ? 4 C C "H5''" 1 
ATOM 481 H "H4'"  . C C 1 4 ? 4.713   0.255   -6.107  1.00 0.00 ? 4 C C "H4'"  1 
ATOM 482 H "H3'"  . C C 1 4 ? 5.637   1.304   -3.517  1.00 0.00 ? 4 C C "H3'"  1 
ATOM 483 H "H2'"  . C C 1 4 ? 3.612   1.907   -2.660  1.00 0.00 ? 4 C C "H2'"  1 
ATOM 484 H "HO2'" . C C 1 4 ? 3.271   3.301   -4.537  1.00 0.00 ? 4 C C "HO2'" 1 
ATOM 485 H "H1'"  . C C 1 4 ? 1.841   0.299   -4.085  1.00 0.00 ? 4 C C "H1'"  1 
ATOM 486 H H41    . C C 1 4 ? 1.569   -2.228  1.719   1.00 0.00 ? 4 C C H41    1 
ATOM 487 H H42    . C C 1 4 ? 3.290   -2.039  1.961   1.00 0.00 ? 4 C C H42    1 
ATOM 488 H H5     . C C 1 4 ? 4.756   -1.096  0.299   1.00 0.00 ? 4 C C H5     1 
ATOM 489 H H6     . C C 1 4 ? 4.896   -0.175  -1.961  1.00 0.00 ? 4 C C H6     1 
ATOM 490 P P      . C C 1 5 ? 5.736   3.848   -4.663  1.00 0.00 ? 5 C C P      1 
ATOM 491 O OP1    . C C 1 5 ? 6.665   4.410   -5.670  1.00 0.00 ? 5 C C OP1    1 
ATOM 492 O OP2    . C C 1 5 ? 6.185   3.669   -3.263  1.00 0.00 ? 5 C C OP2    1 
ATOM 493 O "O5'"  . C C 1 5 ? 4.396   4.741   -4.659  1.00 0.00 ? 5 C C "O5'"  1 
ATOM 494 C "C5'"  . C C 1 5 ? 4.127   5.646   -3.586  1.00 0.00 ? 5 C C "C5'"  1 
ATOM 495 C "C4'"  . C C 1 5 ? 2.660   6.065   -3.560  1.00 0.00 ? 5 C C "C4'"  1 
ATOM 496 O "O4'"  . C C 1 5 ? 1.860   5.109   -2.831  1.00 0.00 ? 5 C C "O4'"  1 
ATOM 497 C "C3'"  . C C 1 5 ? 2.494   7.413   -2.886  1.00 0.00 ? 5 C C "C3'"  1 
ATOM 498 O "O3'"  . C C 1 5 ? 2.351   8.461   -3.855  1.00 0.00 ? 5 C C "O3'"  1 
ATOM 499 C "C2'"  . C C 1 5 ? 1.259   7.283   -2.050  1.00 0.00 ? 5 C C "C2'"  1 
ATOM 500 O "O2'"  . C C 1 5 ? 0.159   7.869   -2.725  1.00 0.00 ? 5 C C "O2'"  1 
ATOM 501 C "C1'"  . C C 1 5 ? 1.046   5.795   -1.854  1.00 0.00 ? 5 C C "C1'"  1 
ATOM 502 N N1     . C C 1 5 ? 1.413   5.376   -0.480  1.00 0.00 ? 5 C C N1     1 
ATOM 503 C C2     . C C 1 5 ? 0.383   5.030   0.380   1.00 0.00 ? 5 C C C2     1 
ATOM 504 O O2     . C C 1 5 ? -0.786  5.127   0.012   1.00 0.00 ? 5 C C O2     1 
ATOM 505 N N3     . C C 1 5 ? 0.705   4.595   1.631   1.00 0.00 ? 5 C C N3     1 
ATOM 506 C C4     . C C 1 5 ? 1.981   4.503   2.022   1.00 0.00 ? 5 C C C4     1 
ATOM 507 N N4     . C C 1 5 ? 2.258   4.058   3.246   1.00 0.00 ? 5 C C N4     1 
ATOM 508 C C5     . C C 1 5 ? 3.047   4.865   1.140   1.00 0.00 ? 5 C C C5     1 
ATOM 509 C C6     . C C 1 5 ? 2.721   5.294   -0.093  1.00 0.00 ? 5 C C C6     1 
ATOM 510 H "H5'"  . C C 1 5 ? 4.750   6.533   -3.706  1.00 0.00 ? 5 C C "H5'"  1 
ATOM 511 H "H5''" . C C 1 5 ? 4.376   5.162   -2.642  1.00 0.00 ? 5 C C "H5''" 1 
ATOM 512 H "H4'"  . C C 1 5 ? 2.284   6.133   -4.581  1.00 0.00 ? 5 C C "H4'"  1 
ATOM 513 H "H3'"  . C C 1 5 ? 3.349   7.611   -2.241  1.00 0.00 ? 5 C C "H3'"  1 
ATOM 514 H "H2'"  . C C 1 5 ? 1.404   7.767   -1.090  1.00 0.00 ? 5 C C "H2'"  1 
ATOM 515 H "HO2'" . C C 1 5 ? 0.377   8.795   -2.863  1.00 0.00 ? 5 C C "HO2'" 1 
ATOM 516 H "H1'"  . C C 1 5 ? -0.004  5.560   -2.030  1.00 0.00 ? 5 C C "H1'"  1 
ATOM 517 H H41    . C C 1 5 ? 1.508   3.795   3.869   1.00 0.00 ? 5 C C H41    1 
ATOM 518 H H42    . C C 1 5 ? 3.219   3.977   3.551   1.00 0.00 ? 5 C C H42    1 
ATOM 519 H H5     . C C 1 5 ? 4.089   4.796   1.457   1.00 0.00 ? 5 C C H5     1 
ATOM 520 H H6     . C C 1 5 ? 3.507   5.592   -0.783  1.00 0.00 ? 5 C C H6     1 
ATOM 521 P P      . C C 1 6 ? 2.672   9.993   -3.468  1.00 0.00 ? 6 C C P      1 
ATOM 522 O OP1    . C C 1 6 ? 3.055   10.710  -4.705  1.00 0.00 ? 6 C C OP1    1 
ATOM 523 O OP2    . C C 1 6 ? 3.584   9.997   -2.302  1.00 0.00 ? 6 C C OP2    1 
ATOM 524 O "O5'"  . C C 1 6 ? 1.238   10.555  -2.986  1.00 0.00 ? 6 C C "O5'"  1 
ATOM 525 C "C5'"  . C C 1 6 ? 1.137   11.862  -2.412  1.00 0.00 ? 6 C C "C5'"  1 
ATOM 526 C "C4'"  . C C 1 6 ? -0.296  12.203  -2.001  1.00 0.00 ? 6 C C "C4'"  1 
ATOM 527 O "O4'"  . C C 1 6 ? -0.825  11.220  -1.086  1.00 0.00 ? 6 C C "O4'"  1 
ATOM 528 C "C3'"  . C C 1 6 ? -0.347  13.559  -1.311  1.00 0.00 ? 6 C C "C3'"  1 
ATOM 529 O "O3'"  . C C 1 6 ? -0.910  14.549  -2.178  1.00 0.00 ? 6 C C "O3'"  1 
ATOM 530 C "C2'"  . C C 1 6 ? -1.209  13.366  -0.087  1.00 0.00 ? 6 C C "C2'"  1 
ATOM 531 O "O2'"  . C C 1 6 ? -2.496  13.967  -0.273  1.00 0.00 ? 6 C C "O2'"  1 
ATOM 532 C "C1'"  . C C 1 6 ? -1.324  11.863  0.113   1.00 0.00 ? 6 C C "C1'"  1 
ATOM 533 N N1     . C C 1 6 ? -0.548  11.427  1.295   1.00 0.00 ? 6 C C N1     1 
ATOM 534 C C2     . C C 1 6 ? -1.244  10.956  2.410   1.00 0.00 ? 6 C C C2     1 
ATOM 535 O O2     . C C 1 6 ? -2.476  10.905  2.413   1.00 0.00 ? 6 C C O2     1 
ATOM 536 N N3     . C C 1 6 ? -0.520  10.543  3.486   1.00 0.00 ? 6 C C N3     1 
ATOM 537 C C4     . C C 1 6 ? 0.819   10.584  3.474   1.00 0.00 ? 6 C C C4     1 
ATOM 538 N N4     . C C 1 6 ? 1.500   10.138  4.525   1.00 0.00 ? 6 C C N4     1 
ATOM 539 C C5     . C C 1 6 ? 1.532   11.065  2.334   1.00 0.00 ? 6 C C C5     1 
ATOM 540 C C6     . C C 1 6 ? 0.814   11.476  1.276   1.00 0.00 ? 6 C C C6     1 
ATOM 541 H "H5'"  . C C 1 6 ? 1.479   12.596  -3.143  1.00 0.00 ? 6 C C "H5'"  1 
ATOM 542 H "H5''" . C C 1 6 ? 1.779   11.912  -1.534  1.00 0.00 ? 6 C C "H5''" 1 
ATOM 543 H "H4'"  . C C 1 6 ? -0.925  12.233  -2.892  1.00 0.00 ? 6 C C "H4'"  1 
ATOM 544 H "H3'"  . C C 1 6 ? 0.662   13.858  -1.009  1.00 0.00 ? 6 C C "H3'"  1 
ATOM 545 H "HO3'" . C C 1 6 ? -1.838  14.629  -1.951  1.00 0.00 ? 6 C C "HO3'" 1 
ATOM 546 H "H2'"  . C C 1 6 ? -0.713  13.807  0.779   1.00 0.00 ? 6 C C "H2'"  1 
ATOM 547 H "HO2'" . C C 1 6 ? -3.147  13.403  0.152   1.00 0.00 ? 6 C C "HO2'" 1 
ATOM 548 H "H1'"  . C C 1 6 ? -2.370  11.597  0.252   1.00 0.00 ? 6 C C "H1'"  1 
ATOM 549 H H41    . C C 1 6 ? 1.009   9.815   5.349   1.00 0.00 ? 6 C C H41    1 
ATOM 550 H H42    . C C 1 6 ? 2.511   10.139  4.503   1.00 0.00 ? 6 C C H42    1 
ATOM 551 H H5     . C C 1 6 ? 2.621   11.098  2.324   1.00 0.00 ? 6 C C H5     1 
ATOM 552 H H6     . C C 1 6 ? 1.325   11.865  0.397   1.00 0.00 ? 6 C C H6     1 
ATOM 553 O "O5'"  . U D 1 1 ? 4.510   18.516  7.367   1.00 0.00 ? 1 U D "O5'"  1 
ATOM 554 C "C5'"  . U D 1 1 ? 4.999   18.958  8.637   1.00 0.00 ? 1 U D "C5'"  1 
ATOM 555 C "C4'"  . U D 1 1 ? 4.488   18.078  9.775   1.00 0.00 ? 1 U D "C4'"  1 
ATOM 556 O "O4'"  . U D 1 1 ? 3.061   18.227  9.934   1.00 0.00 ? 1 U D "O4'"  1 
ATOM 557 C "C3'"  . U D 1 1 ? 4.781   16.611  9.500   1.00 0.00 ? 1 U D "C3'"  1 
ATOM 558 O "O3'"  . U D 1 1 ? 5.803   16.114  10.372  1.00 0.00 ? 1 U D "O3'"  1 
ATOM 559 C "C2'"  . U D 1 1 ? 3.481   15.877  9.712   1.00 0.00 ? 1 U D "C2'"  1 
ATOM 560 O "O2'"  . U D 1 1 ? 3.536   15.046  10.875  1.00 0.00 ? 1 U D "O2'"  1 
ATOM 561 C "C1'"  . U D 1 1 ? 2.411   16.939  9.861   1.00 0.00 ? 1 U D "C1'"  1 
ATOM 562 N N1     . U D 1 1 ? 1.468   16.882  8.725   1.00 0.00 ? 1 U D N1     1 
ATOM 563 C C2     . U D 1 1 ? 0.415   15.988  8.809   1.00 0.00 ? 1 U D C2     1 
ATOM 564 O O2     . U D 1 1 ? 0.240   15.267  9.790   1.00 0.00 ? 1 U D O2     1 
ATOM 565 N N3     . U D 1 1 ? -0.436  15.949  7.721   1.00 0.00 ? 1 U D N3     1 
ATOM 566 C C4     . U D 1 1 ? -0.328  16.713  6.573   1.00 0.00 ? 1 U D C4     1 
ATOM 567 O O4     . U D 1 1 ? -1.148  16.597  5.665   1.00 0.00 ? 1 U D O4     1 
ATOM 568 C C5     . U D 1 1 ? 0.799   17.617  6.571   1.00 0.00 ? 1 U D C5     1 
ATOM 569 C C6     . U D 1 1 ? 1.647   17.675  7.626   1.00 0.00 ? 1 U D C6     1 
ATOM 570 H "H5'"  . U D 1 1 ? 4.671   19.984  8.805   1.00 0.00 ? 1 U D "H5'"  1 
ATOM 571 H "H5''" . U D 1 1 ? 6.088   18.930  8.629   1.00 0.00 ? 1 U D "H5''" 1 
ATOM 572 H "H4'"  . U D 1 1 ? 4.979   18.373  10.702  1.00 0.00 ? 1 U D "H4'"  1 
ATOM 573 H "H3'"  . U D 1 1 ? 5.091   16.497  8.460   1.00 0.00 ? 1 U D "H3'"  1 
ATOM 574 H "H2'"  . U D 1 1 ? 3.263   15.271  8.839   1.00 0.00 ? 1 U D "H2'"  1 
ATOM 575 H "HO2'" . U D 1 1 ? 3.284   14.163  10.597  1.00 0.00 ? 1 U D "HO2'" 1 
ATOM 576 H "H1'"  . U D 1 1 ? 1.865   16.763  10.780  1.00 0.00 ? 1 U D "H1'"  1 
ATOM 577 H H3     . U D 1 1 ? -1.205  15.297  7.765   1.00 0.00 ? 1 U D H3     1 
ATOM 578 H H5     . U D 1 1 ? 0.976   18.252  5.705   1.00 0.00 ? 1 U D H5     1 
ATOM 579 H H6     . U D 1 1 ? 2.485   18.371  7.602   1.00 0.00 ? 1 U D H6     1 
ATOM 580 H "HO5'" . U D 1 1 ? 5.195   18.698  6.719   1.00 0.00 ? 1 U D "HO5'" 1 
ATOM 581 P P      . C D 1 2 ? 6.680   14.825  9.958   1.00 0.00 ? 2 C D P      1 
ATOM 582 O OP1    . C D 1 2 ? 7.787   14.689  10.930  1.00 0.00 ? 2 C D OP1    1 
ATOM 583 O OP2    . C D 1 2 ? 6.979   14.913  8.509   1.00 0.00 ? 2 C D OP2    1 
ATOM 584 O "O5'"  . C D 1 2 ? 5.652   13.603  10.193  1.00 0.00 ? 2 C D "O5'"  1 
ATOM 585 C "C5'"  . C D 1 2 ? 5.134   12.848  9.091   1.00 0.00 ? 2 C D "C5'"  1 
ATOM 586 C "C4'"  . C D 1 2 ? 3.930   12.006  9.511   1.00 0.00 ? 2 C D "C4'"  1 
ATOM 587 O "O4'"  . C D 1 2 ? 2.720   12.798  9.533   1.00 0.00 ? 2 C D "O4'"  1 
ATOM 588 C "C3'"  . C D 1 2 ? 3.690   10.853  8.545   1.00 0.00 ? 2 C D "C3'"  1 
ATOM 589 O "O3'"  . C D 1 2 ? 4.312   9.623   8.966   1.00 0.00 ? 2 C D "O3'"  1 
ATOM 590 C "C2'"  . C D 1 2 ? 2.190   10.729  8.452   1.00 0.00 ? 2 C D "C2'"  1 
ATOM 591 O "O2'"  . C D 1 2 ? 1.687   9.729   9.346   1.00 0.00 ? 2 C D "O2'"  1 
ATOM 592 C "C1'"  . C D 1 2 ? 1.663   12.103  8.826   1.00 0.00 ? 2 C D "C1'"  1 
ATOM 593 N N1     . C D 1 2 ? 1.265   12.831  7.600   1.00 0.00 ? 2 C D N1     1 
ATOM 594 C C2     . C D 1 2 ? -0.025  12.631  7.128   1.00 0.00 ? 2 C D C2     1 
ATOM 595 O O2     . C D 1 2 ? -0.818  11.939  7.766   1.00 0.00 ? 2 C D O2     1 
ATOM 596 N N3     . C D 1 2 ? -0.383  13.225  5.960   1.00 0.00 ? 2 C D N3     1 
ATOM 597 C C4     . C D 1 2 ? 0.476   13.989  5.277   1.00 0.00 ? 2 C D C4     1 
ATOM 598 N N4     . C D 1 2 ? 0.098   14.502  4.104   1.00 0.00 ? 2 C D N4     1 
ATOM 599 C C5     . C D 1 2 ? 1.803   14.215  5.762   1.00 0.00 ? 2 C D C5     1 
ATOM 600 C C6     . C D 1 2 ? 2.156   13.618  6.919   1.00 0.00 ? 2 C D C6     1 
ATOM 601 H "H5'"  . C D 1 2 ? 5.916   12.189  8.713   1.00 0.00 ? 2 C D "H5'"  1 
ATOM 602 H "H5''" . C D 1 2 ? 4.833   13.533  8.300   1.00 0.00 ? 2 C D "H5''" 1 
ATOM 603 H "H4'"  . C D 1 2 ? 4.106   11.609  10.509  1.00 0.00 ? 2 C D "H4'"  1 
ATOM 604 H "H3'"  . C D 1 2 ? 4.076   11.140  7.562   1.00 0.00 ? 2 C D "H3'"  1 
ATOM 605 H "H2'"  . C D 1 2 ? 1.899   10.494  7.431   1.00 0.00 ? 2 C D "H2'"  1 
ATOM 606 H "HO2'" . C D 1 2 ? 1.617   8.909   8.853   1.00 0.00 ? 2 C D "HO2'" 1 
ATOM 607 H "H1'"  . C D 1 2 ? 0.799   11.995  9.480   1.00 0.00 ? 2 C D "H1'"  1 
ATOM 608 H H41    . C D 1 2 ? -0.840  14.347  3.769   1.00 0.00 ? 2 C D H41    1 
ATOM 609 H H42    . C D 1 2 ? 0.746   15.047  3.555   1.00 0.00 ? 2 C D H42    1 
ATOM 610 H H5     . C D 1 2 ? 2.494   14.867  5.227   1.00 0.00 ? 2 C D H5     1 
ATOM 611 H H6     . C D 1 2 ? 3.163   13.758  7.313   1.00 0.00 ? 2 C D H6     1 
ATOM 612 P P      . C D 1 3 ? 4.300   9.105   10.497  1.00 0.00 ? 3 C D P      1 
ATOM 613 O OP1    . C D 1 3 ? 3.279   9.866   11.253  1.00 0.00 ? 3 C D OP1    1 
ATOM 614 O OP2    . C D 1 3 ? 5.698   9.072   10.982  1.00 0.00 ? 3 C D OP2    1 
ATOM 615 O "O5'"  . C D 1 3 ? 3.786   7.580   10.350  1.00 0.00 ? 3 C D "O5'"  1 
ATOM 616 C "C5'"  . C D 1 3 ? 3.616   6.971   9.062   1.00 0.00 ? 3 C D "C5'"  1 
ATOM 617 C "C4'"  . C D 1 3 ? 2.286   6.223   8.976   1.00 0.00 ? 3 C D "C4'"  1 
ATOM 618 O "O4'"  . C D 1 3 ? 1.352   6.910   8.115   1.00 0.00 ? 3 C D "O4'"  1 
ATOM 619 C "C3'"  . C D 1 3 ? 2.460   4.812   8.436   1.00 0.00 ? 3 C D "C3'"  1 
ATOM 620 O "O3'"  . C D 1 3 ? 2.541   3.871   9.524   1.00 0.00 ? 3 C D "O3'"  1 
ATOM 621 C "C2'"  . C D 1 3 ? 1.231   4.590   7.585   1.00 0.00 ? 3 C D "C2'"  1 
ATOM 622 O "O2'"  . C D 1 3 ? 0.222   3.940   8.360   1.00 0.00 ? 3 C D "O2'"  1 
ATOM 623 C "C1'"  . C D 1 3 ? 0.744   5.967   7.203   1.00 0.00 ? 3 C D "C1'"  1 
ATOM 624 N N1     . C D 1 3 ? 1.092   6.304   5.806   1.00 0.00 ? 3 C D N1     1 
ATOM 625 C C2     . C D 1 3 ? 0.045   6.524   4.917   1.00 0.00 ? 3 C D C2     1 
ATOM 626 O O2     . C D 1 3 ? -1.123  6.327   5.265   1.00 0.00 ? 3 C D O2     1 
ATOM 627 N N3     . C D 1 3 ? 0.350   6.929   3.654   1.00 0.00 ? 3 C D N3     1 
ATOM 628 C C4     . C D 1 3 ? 1.620   7.109   3.273   1.00 0.00 ? 3 C D C4     1 
ATOM 629 N N4     . C D 1 3 ? 1.880   7.524   2.035   1.00 0.00 ? 3 C D N4     1 
ATOM 630 C C5     . C D 1 3 ? 2.701   6.874   4.177   1.00 0.00 ? 3 C D C5     1 
ATOM 631 C C6     . C D 1 3 ? 2.399   6.472   5.424   1.00 0.00 ? 3 C D C6     1 
ATOM 632 H "H5'"  . C D 1 3 ? 4.434   6.272   8.888   1.00 0.00 ? 3 C D "H5'"  1 
ATOM 633 H "H5''" . C D 1 3 ? 3.640   7.744   8.293   1.00 0.00 ? 3 C D "H5''" 1 
ATOM 634 H "H4'"  . C D 1 3 ? 1.853   6.157   9.972   1.00 0.00 ? 3 C D "H4'"  1 
ATOM 635 H "H3'"  . C D 1 3 ? 3.363   4.758   7.816   1.00 0.00 ? 3 C D "H3'"  1 
ATOM 636 H "H2'"  . C D 1 3 ? 1.472   4.019   6.682   1.00 0.00 ? 3 C D "H2'"  1 
ATOM 637 H "HO2'" . C D 1 3 ? 0.255   3.006   8.172   1.00 0.00 ? 3 C D "HO2'" 1 
ATOM 638 H "H1'"  . C D 1 3 ? -0.344  5.989   7.317   1.00 0.00 ? 3 C D "H1'"  1 
ATOM 639 H H41    . C D 1 3 ? 1.120   7.693   1.385   1.00 0.00 ? 3 C D H41    1 
ATOM 640 H H42    . C D 1 3 ? 2.839   7.668   1.745   1.00 0.00 ? 3 C D H42    1 
ATOM 641 H H5     . C D 1 3 ? 3.736   7.014   3.864   1.00 0.00 ? 3 C D H5     1 
ATOM 642 H H6     . C D 1 3 ? 3.207   6.253   6.127   1.00 0.00 ? 3 C D H6     1 
ATOM 643 P P      . C D 1 4 ? 2.391   2.267   9.330   1.00 0.00 ? 4 C D P      1 
ATOM 644 O OP1    . C D 1 4 ? 1.078   1.861   9.881   1.00 0.00 ? 4 C D OP1    1 
ATOM 645 O OP2    . C D 1 4 ? 3.625   1.629   9.840   1.00 0.00 ? 4 C D OP2    1 
ATOM 646 O "O5'"  . C D 1 4 ? 2.344   2.057   7.732   1.00 0.00 ? 4 C D "O5'"  1 
ATOM 647 C "C5'"  . C D 1 4 ? 2.749   0.806   7.150   1.00 0.00 ? 4 C D "C5'"  1 
ATOM 648 C "C4'"  . C D 1 4 ? 1.547   -0.062  6.775   1.00 0.00 ? 4 C D "C4'"  1 
ATOM 649 O "O4'"  . C D 1 4 ? 0.719   0.615   5.807   1.00 0.00 ? 4 C D "O4'"  1 
ATOM 650 C "C3'"  . C D 1 4 ? 1.984   -1.386  6.173   1.00 0.00 ? 4 C D "C3'"  1 
ATOM 651 O "O3'"  . C D 1 4 ? 1.800   -2.447  7.117   1.00 0.00 ? 4 C D "O3'"  1 
ATOM 652 C "C2'"  . C D 1 4 ? 1.111   -1.581  4.953   1.00 0.00 ? 4 C D "C2'"  1 
ATOM 653 O "O2'"  . C D 1 4 ? 0.070   -2.529  5.209   1.00 0.00 ? 4 C D "O2'"  1 
ATOM 654 C "C1'"  . C D 1 4 ? 0.532   -0.216  4.642   1.00 0.00 ? 4 C D "C1'"  1 
ATOM 655 N N1     . C D 1 4 ? 1.190   0.373   3.452   1.00 0.00 ? 4 C D N1     1 
ATOM 656 C C2     . C D 1 4 ? 0.374   0.771   2.409   1.00 0.00 ? 4 C D C2     1 
ATOM 657 O O2     . C D 1 4 ? -0.844  0.630   2.491   1.00 0.00 ? 4 C D O2     1 
ATOM 658 N N3     . C D 1 4 ? 0.956   1.312   1.305   1.00 0.00 ? 4 C D N3     1 
ATOM 659 C C4     . C D 1 4 ? 2.283   1.456   1.223   1.00 0.00 ? 4 C D C4     1 
ATOM 660 N N4     . C D 1 4 ? 2.816   1.986   0.122   1.00 0.00 ? 4 C D N4     1 
ATOM 661 C C5     . C D 1 4 ? 3.133   1.047   2.293   1.00 0.00 ? 4 C D C5     1 
ATOM 662 C C6     . C D 1 4 ? 2.552   0.514   3.382   1.00 0.00 ? 4 C D C6     1 
ATOM 663 H "H5'"  . C D 1 4 ? 3.370   0.264   7.865   1.00 0.00 ? 4 C D "H5'"  1 
ATOM 664 H "H5''" . C D 1 4 ? 3.336   1.006   6.254   1.00 0.00 ? 4 C D "H5''" 1 
ATOM 665 H "H4'"  . C D 1 4 ? 0.958   -0.272  7.667   1.00 0.00 ? 4 C D "H4'"  1 
ATOM 666 H "H3'"  . C D 1 4 ? 3.035   -1.325  5.876   1.00 0.00 ? 4 C D "H3'"  1 
ATOM 667 H "H2'"  . C D 1 4 ? 1.716   -1.911  4.112   1.00 0.00 ? 4 C D "H2'"  1 
ATOM 668 H "HO2'" . C D 1 4 ? 0.483   -3.315  5.573   1.00 0.00 ? 4 C D "HO2'" 1 
ATOM 669 H "H1'"  . C D 1 4 ? -0.536  -0.319  4.445   1.00 0.00 ? 4 C D "H1'"  1 
ATOM 670 H H41    . C D 1 4 ? 2.218   2.282   -0.635  1.00 0.00 ? 4 C D H41    1 
ATOM 671 H H42    . C D 1 4 ? 3.817   2.096   0.048   1.00 0.00 ? 4 C D H42    1 
ATOM 672 H H5     . C D 1 4 ? 4.215   1.163   2.230   1.00 0.00 ? 4 C D H5     1 
ATOM 673 H H6     . C D 1 4 ? 3.173   0.197   4.219   1.00 0.00 ? 4 C D H6     1 
ATOM 674 P P      . C D 1 5 ? 2.550   -3.860  6.934   1.00 0.00 ? 5 C D P      1 
ATOM 675 O OP1    . C D 1 5 ? 2.876   -4.387  8.277   1.00 0.00 ? 5 C D OP1    1 
ATOM 676 O OP2    . C D 1 5 ? 3.622   -3.692  5.926   1.00 0.00 ? 5 C D OP2    1 
ATOM 677 O "O5'"  . C D 1 5 ? 1.395   -4.785  6.297   1.00 0.00 ? 5 C D "O5'"  1 
ATOM 678 C "C5'"  . C D 1 5 ? 1.697   -5.701  5.244   1.00 0.00 ? 5 C D "C5'"  1 
ATOM 679 C "C4'"  . C D 1 5 ? 0.441   -6.128  4.492   1.00 0.00 ? 5 C D "C4'"  1 
ATOM 680 O "O4'"  . C D 1 5 ? 0.072   -5.152  3.494   1.00 0.00 ? 5 C D "O4'"  1 
ATOM 681 C "C3'"  . C D 1 5 ? 0.656   -7.452  3.785   1.00 0.00 ? 5 C D "C3'"  1 
ATOM 682 O "O3'"  . C D 1 5 ? 0.085   -8.532  4.537   1.00 0.00 ? 5 C D "O3'"  1 
ATOM 683 C "C2'"  . C D 1 5 ? -0.017  -7.298  2.459   1.00 0.00 ? 5 C D "C2'"  1 
ATOM 684 O "O2'"  . C D 1 5 ? -1.300  -7.893  2.511   1.00 0.00 ? 5 C D "O2'"  1 
ATOM 685 C "C1'"  . C D 1 5 ? -0.114  -5.804  2.220   1.00 0.00 ? 5 C D "C1'"  1 
ATOM 686 N N1     . C D 1 5 ? 0.907   -5.348  1.251   1.00 0.00 ? 5 C D N1     1 
ATOM 687 C C2     . C D 1 5 ? 0.466   -4.937  0.004   1.00 0.00 ? 5 C D C2     1 
ATOM 688 O O2     . C D 1 5 ? -0.728  -5.006  -0.283  1.00 0.00 ? 5 C D O2     1 
ATOM 689 N N3     . C D 1 5 ? 1.386   -4.472  -0.883  1.00 0.00 ? 5 C D N3     1 
ATOM 690 C C4     . C D 1 5 ? 2.686   -4.412  -0.564  1.00 0.00 ? 5 C D C4     1 
ATOM 691 N N4     . C D 1 5 ? 3.556   -3.941  -1.458  1.00 0.00 ? 5 C D N4     1 
ATOM 692 C C5     . C D 1 5 ? 3.148   -4.840  0.717   1.00 0.00 ? 5 C D C5     1 
ATOM 693 C C6     . C D 1 5 ? 2.231   -5.299  1.589   1.00 0.00 ? 5 C D C6     1 
ATOM 694 H "H5'"  . C D 1 5 ? 2.176   -6.583  5.668   1.00 0.00 ? 5 C D "H5'"  1 
ATOM 695 H "H5''" . C D 1 5 ? 2.384   -5.223  4.544   1.00 0.00 ? 5 C D "H5''" 1 
ATOM 696 H "H4'"  . C D 1 5 ? -0.385  -6.238  5.195   1.00 0.00 ? 5 C D "H4'"  1 
ATOM 697 H "H3'"  . C D 1 5 ? 1.722   -7.621  3.630   1.00 0.00 ? 5 C D "H3'"  1 
ATOM 698 H "H2'"  . C D 1 5 ? 0.577   -7.762  1.679   1.00 0.00 ? 5 C D "H2'"  1 
ATOM 699 H "HO2'" . C D 1 5 ? -1.167  -8.824  2.710   1.00 0.00 ? 5 C D "HO2'" 1 
ATOM 700 H "H1'"  . C D 1 5 ? -1.105  -5.568  1.833   1.00 0.00 ? 5 C D "H1'"  1 
ATOM 701 H H41    . C D 1 5 ? 3.232   -3.638  -2.364  1.00 0.00 ? 5 C D H41    1 
ATOM 702 H H42    . C D 1 5 ? 4.538   -3.888  -1.228  1.00 0.00 ? 5 C D H42    1 
ATOM 703 H H5     . C D 1 5 ? 4.204   -4.796  0.981   1.00 0.00 ? 5 C D H5     1 
ATOM 704 H H6     . C D 1 5 ? 2.550   -5.645  2.568   1.00 0.00 ? 5 C D H6     1 
ATOM 705 P P      . C D 1 6 ? 0.591   -10.047 4.326   1.00 0.00 ? 6 C D P      1 
ATOM 706 O OP1    . C D 1 6 ? 0.317   -10.801 5.571   1.00 0.00 ? 6 C D OP1    1 
ATOM 707 O OP2    . C D 1 6 ? 1.965   -10.009 3.776   1.00 0.00 ? 6 C D OP2    1 
ATOM 708 O "O5'"  . C D 1 6 ? -0.398  -10.597 3.177   1.00 0.00 ? 6 C D "O5'"  1 
ATOM 709 C "C5'"  . C D 1 6 ? -0.173  -11.884 2.592   1.00 0.00 ? 6 C D "C5'"  1 
ATOM 710 C "C4'"  . C D 1 6 ? -1.194  -12.204 1.503   1.00 0.00 ? 6 C D "C4'"  1 
ATOM 711 O "O4'"  . C D 1 6 ? -1.162  -11.212 0.453   1.00 0.00 ? 6 C D "O4'"  1 
ATOM 712 C "C3'"  . C D 1 6 ? -0.896  -13.558 0.876   1.00 0.00 ? 6 C D "C3'"  1 
ATOM 713 O "O3'"  . C D 1 6 ? -1.833  -14.541 1.326   1.00 0.00 ? 6 C D "O3'"  1 
ATOM 714 C "C2'"  . C D 1 6 ? -1.007  -13.353 -0.616  1.00 0.00 ? 6 C D "C2'"  1 
ATOM 715 O "O2'"  . C D 1 6 ? -2.213  -13.941 -1.119  1.00 0.00 ? 6 C D "O2'"  1 
ATOM 716 C "C1'"  . C D 1 6 ? -0.990  -11.847 -0.836  1.00 0.00 ? 6 C D "C1'"  1 
ATOM 717 N N1     . C D 1 6 ? 0.282   -11.418 -1.461  1.00 0.00 ? 6 C D N1     1 
ATOM 718 C C2     . C D 1 6 ? 0.248   -10.946 -2.774  1.00 0.00 ? 6 C D C2     1 
ATOM 719 O O2     . C D 1 6 ? -0.815  -10.886 -3.397  1.00 0.00 ? 6 C D O2     1 
ATOM 720 N N3     . C D 1 6 ? 1.418   -10.543 -3.340  1.00 0.00 ? 6 C D N3     1 
ATOM 721 C C4     . C D 1 6 ? 2.568   -10.592 -2.657  1.00 0.00 ? 6 C D C4     1 
ATOM 722 N N4     . C D 1 6 ? 3.687   -10.152 -3.229  1.00 0.00 ? 6 C D N4     1 
ATOM 723 C C5     . C D 1 6 ? 2.608   -11.074 -1.314  1.00 0.00 ? 6 C D C5     1 
ATOM 724 C C6     . C D 1 6 ? 1.451   -11.476 -0.759  1.00 0.00 ? 6 C D C6     1 
ATOM 725 H "H5'"  . C D 1 6 ? -0.238  -12.643 3.372   1.00 0.00 ? 6 C D "H5'"  1 
ATOM 726 H "H5''" . C D 1 6 ? 0.827   -11.905 2.160   1.00 0.00 ? 6 C D "H5''" 1 
ATOM 727 H "H4'"  . C D 1 6 ? -2.190  -12.226 1.943   1.00 0.00 ? 6 C D "H4'"  1 
ATOM 728 H "H3'"  . C D 1 6 ? 0.122   -13.867 1.131   1.00 0.00 ? 6 C D "H3'"  1 
ATOM 729 H "HO3'" . C D 1 6 ? -2.499  -14.632 0.641   1.00 0.00 ? 6 C D "HO3'" 1 
ATOM 730 H "H2'"  . C D 1 6 ? -0.142  -13.799 -1.108  1.00 0.00 ? 6 C D "H2'"  1 
ATOM 731 H "HO2'" . C D 1 6 ? -2.541  -13.380 -1.824  1.00 0.00 ? 6 C D "HO2'" 1 
ATOM 732 H "H1'"  . C D 1 6 ? -1.819  -11.569 -1.484  1.00 0.00 ? 6 C D "H1'"  1 
ATOM 733 H H41    . C D 1 6 ? 3.673   -9.832  -4.184  1.00 0.00 ? 6 C D H41    1 
ATOM 734 H H42    . C D 1 6 ? 4.553   -10.156 -2.710  1.00 0.00 ? 6 C D H42    1 
ATOM 735 H H5     . C D 1 6 ? 3.544   -11.117 -0.757  1.00 0.00 ? 6 C D H5     1 
ATOM 736 H H6     . C D 1 6 ? 1.447   -11.861 0.259   1.00 0.00 ? 6 C D H6     1 
# 
